data_4UBP
#
_entry.id   4UBP
#
_cell.length_a   130.880
_cell.length_b   130.880
_cell.length_c   189.000
_cell.angle_alpha   90.00
_cell.angle_beta   90.00
_cell.angle_gamma   120.00
#
_symmetry.space_group_name_H-M   'P 63 2 2'
#
loop_
_entity.id
_entity.type
_entity.pdbx_description
1 polymer 'PROTEIN (UREASE (CHAIN A))'
2 polymer 'PROTEIN (UREASE (CHAIN B))'
3 polymer 'PROTEIN (UREASE (CHAIN C))'
4 non-polymer 'NICKEL (II) ION'
5 non-polymer 'ACETOHYDROXAMIC ACID'
6 water water
#
loop_
_entity_poly.entity_id
_entity_poly.type
_entity_poly.pdbx_seq_one_letter_code
_entity_poly.pdbx_strand_id
1 'polypeptide(L)'
;(ACE)MHLNPAEKEKLQIFLASELLLRRKARGLKLNYPEAVAIITSFIMEGARDGKTVAMLMEEGKHVLTRDDVMEGVPE
MIDDIQAEATFPDGTKLVTVHNPIS
;
A
2 'polypeptide(L)'
;MSNNNYIVPGEYRVAEGEIEINAGREKTTIRVSNTGDRPIQVGSHIHFVEVNKELLFDRAEGIGRRLNIPSGTAARFEPG
EEMEVELTELGGNREVFGISDLTNGSVDNKELILQRAKELGYKGVE
;
B
3 'polypeptide(L)'
;MKINRQQYAESYGPTVGDEVRLADTDLWIEVEKDYTTYGDEVNFGGGKVLREGMGENGTYTRTENVLDLLLTNALILDYT
GIYKADIGVKDGYIVGIGKGGNPDIMDGVTPNMIVGTATEVIAAEGKIVTAGGIDTHVHFINPDQVDVALANGITTLFGG
GTGPAEGSKATTVTPGPWNIEKMLKSTEGLPINVGILGKGHGSSIAPIMEQIDAGAAGL(KCX)IHEDWGATPASIDRSL
TVADEADVQVAIHSDTLNEAGFLEDTLRAINGRVIHSFHVEGAGGGHAPDIMAMAGHPNVLPSSTNPTRPFTVNTIDEHL
DMLMVCHHLKQNIPEDVAFADSRIRPETIAAEDILHDLGIISMMSTDALAMGRAGEMVLRTWQTADKMKKQRGPLAEEKN
GSDNFRLKRYVSKYTINPAIAQGIAHEVGSIEEGKFADLVLWEPKFFGVKADRVIKGGIIAYAQIGDPSASIPTPQPVMG
RRMYGTVGDLIHDTNITFMSKSSIQQGVPAKLGLKRRIGTVKNCRNIGKKDMKWNDVTTDIDINPETYEVKVDGEVLTCE
PVKELPMAQRYFLF
;
C
#
loop_
_chem_comp.id
_chem_comp.type
_chem_comp.name
_chem_comp.formula
ACE non-polymer 'ACETYL GROUP' 'C2 H4 O'
HAE non-polymer 'ACETOHYDROXAMIC ACID' 'C2 H5 N O2'
NI non-polymer 'NICKEL (II) ION' 'Ni 2'
#
# COMPACT_ATOMS: atom_id res chain seq x y z
C ACE A 1 -34.49 22.50 -10.90
O ACE A 1 -34.79 22.29 -9.34
CH3 ACE A 1 -35.33 22.57 -11.11
N MET A 2 -34.03 20.41 -10.38
CA MET A 2 -34.02 19.57 -9.19
C MET A 2 -33.19 20.14 -8.04
N HIS A 3 -32.18 20.90 -8.42
CA HIS A 3 -31.21 21.55 -7.56
C HIS A 3 -30.38 20.50 -6.82
N LEU A 4 -29.86 19.50 -7.53
CA LEU A 4 -29.05 18.49 -6.86
C LEU A 4 -27.76 19.07 -6.28
N ASN A 5 -27.53 18.71 -5.03
CA ASN A 5 -26.28 19.09 -4.36
C ASN A 5 -25.34 17.91 -4.52
N PRO A 6 -24.09 18.09 -4.09
CA PRO A 6 -23.10 17.04 -4.26
C PRO A 6 -23.51 15.75 -3.60
N ALA A 7 -24.01 15.80 -2.35
CA ALA A 7 -24.39 14.57 -1.67
C ALA A 7 -25.55 13.85 -2.33
N GLU A 8 -26.49 14.59 -2.88
CA GLU A 8 -27.64 13.96 -3.51
C GLU A 8 -27.18 13.18 -4.73
N LYS A 9 -26.26 13.80 -5.48
CA LYS A 9 -25.75 13.09 -6.66
C LYS A 9 -25.05 11.82 -6.28
N GLU A 10 -24.20 11.85 -5.26
CA GLU A 10 -23.50 10.65 -4.84
C GLU A 10 -24.40 9.55 -4.35
N LYS A 11 -25.41 9.95 -3.54
CA LYS A 11 -26.32 9.02 -2.96
C LYS A 11 -27.24 8.34 -3.95
N LEU A 12 -27.45 8.96 -5.13
CA LEU A 12 -28.14 8.26 -6.19
C LEU A 12 -27.42 6.99 -6.56
N GLN A 13 -26.08 7.04 -6.53
CA GLN A 13 -25.29 5.87 -6.90
C GLN A 13 -25.46 4.73 -5.90
N ILE A 14 -25.71 5.02 -4.63
CA ILE A 14 -25.98 3.93 -3.69
C ILE A 14 -27.30 3.25 -4.02
N PHE A 15 -28.34 4.05 -4.31
CA PHE A 15 -29.63 3.47 -4.71
C PHE A 15 -29.45 2.58 -5.93
N LEU A 16 -28.70 3.07 -6.91
CA LEU A 16 -28.45 2.26 -8.13
C LEU A 16 -27.71 0.97 -7.82
N ALA A 17 -26.67 1.03 -7.00
CA ALA A 17 -25.95 -0.18 -6.60
C ALA A 17 -26.86 -1.16 -5.89
N SER A 18 -27.75 -0.62 -5.04
CA SER A 18 -28.70 -1.50 -4.32
C SER A 18 -29.66 -2.15 -5.30
N GLU A 19 -30.15 -1.40 -6.31
CA GLU A 19 -31.04 -1.99 -7.30
C GLU A 19 -30.33 -3.14 -8.06
N LEU A 20 -29.07 -2.89 -8.39
CA LEU A 20 -28.25 -3.91 -9.07
C LEU A 20 -28.12 -5.15 -8.20
N LEU A 21 -27.78 -4.92 -6.93
CA LEU A 21 -27.60 -6.00 -5.94
C LEU A 21 -28.89 -6.78 -5.73
N LEU A 22 -30.03 -6.08 -5.65
CA LEU A 22 -31.33 -6.72 -5.45
C LEU A 22 -31.67 -7.64 -6.62
N ARG A 23 -31.31 -7.21 -7.85
CA ARG A 23 -31.52 -8.07 -9.00
C ARG A 23 -30.65 -9.31 -8.96
N ARG A 24 -29.41 -9.14 -8.49
CA ARG A 24 -28.51 -10.27 -8.33
C ARG A 24 -29.04 -11.25 -7.30
N LYS A 25 -29.52 -10.72 -6.17
CA LYS A 25 -30.10 -11.60 -5.13
C LYS A 25 -31.34 -12.31 -5.66
N ALA A 26 -32.14 -11.61 -6.48
CA ALA A 26 -33.40 -12.22 -6.93
C ALA A 26 -33.10 -13.35 -7.88
N ARG A 27 -31.97 -13.33 -8.61
CA ARG A 27 -31.73 -14.47 -9.49
C ARG A 27 -30.90 -15.55 -8.81
N GLY A 28 -30.75 -15.48 -7.48
CA GLY A 28 -30.20 -16.57 -6.69
C GLY A 28 -28.77 -16.49 -6.27
N LEU A 29 -28.15 -15.33 -6.52
CA LEU A 29 -26.74 -15.19 -6.12
C LEU A 29 -26.55 -14.86 -4.65
N LYS A 30 -25.53 -15.47 -4.03
CA LYS A 30 -25.04 -15.05 -2.74
C LYS A 30 -24.31 -13.73 -2.99
N LEU A 31 -24.69 -12.69 -2.24
CA LEU A 31 -24.13 -11.36 -2.46
C LEU A 31 -22.76 -11.17 -1.85
N ASN A 32 -22.02 -10.25 -2.46
CA ASN A 32 -20.66 -9.98 -2.06
C ASN A 32 -20.62 -8.73 -1.19
N TYR A 33 -19.44 -8.26 -0.84
CA TYR A 33 -19.29 -7.15 0.08
C TYR A 33 -19.95 -5.86 -0.39
N PRO A 34 -19.61 -5.29 -1.54
CA PRO A 34 -20.22 -4.02 -1.94
C PRO A 34 -21.70 -4.13 -2.19
N GLU A 35 -22.18 -5.28 -2.66
CA GLU A 35 -23.61 -5.51 -2.88
C GLU A 35 -24.36 -5.45 -1.55
N ALA A 36 -23.84 -6.17 -0.56
CA ALA A 36 -24.48 -6.21 0.76
C ALA A 36 -24.49 -4.81 1.38
N VAL A 37 -23.37 -4.11 1.31
CA VAL A 37 -23.32 -2.77 1.89
C VAL A 37 -24.32 -1.86 1.16
N ALA A 38 -24.41 -1.96 -0.18
CA ALA A 38 -25.34 -1.11 -0.92
C ALA A 38 -26.80 -1.38 -0.56
N ILE A 39 -27.15 -2.66 -0.43
CA ILE A 39 -28.53 -2.99 -0.07
C ILE A 39 -28.89 -2.38 1.29
N ILE A 40 -28.05 -2.64 2.29
CA ILE A 40 -28.35 -2.14 3.62
C ILE A 40 -28.36 -0.62 3.70
N THR A 41 -27.39 0.00 3.02
CA THR A 41 -27.32 1.46 2.99
C THR A 41 -28.54 2.10 2.37
N SER A 42 -28.96 1.56 1.24
CA SER A 42 -30.16 2.14 0.57
C SER A 42 -31.38 1.92 1.44
N PHE A 43 -31.49 0.74 2.08
CA PHE A 43 -32.64 0.50 2.96
C PHE A 43 -32.70 1.59 4.02
N ILE A 44 -31.54 1.94 4.60
CA ILE A 44 -31.55 2.97 5.65
C ILE A 44 -32.01 4.29 5.07
N MET A 45 -31.44 4.66 3.91
CA MET A 45 -31.82 5.97 3.35
C MET A 45 -33.28 6.04 2.97
N GLU A 46 -33.80 4.94 2.40
CA GLU A 46 -35.23 4.90 2.09
C GLU A 46 -36.10 4.87 3.34
N GLY A 47 -35.59 4.28 4.41
CA GLY A 47 -36.34 4.29 5.67
C GLY A 47 -36.46 5.68 6.25
N ALA A 48 -35.39 6.47 6.10
CA ALA A 48 -35.41 7.84 6.55
C ALA A 48 -36.43 8.63 5.75
N ARG A 49 -36.45 8.39 4.44
CA ARG A 49 -37.42 9.06 3.58
C ARG A 49 -38.86 8.71 3.97
N ASP A 50 -39.07 7.47 4.41
CA ASP A 50 -40.36 6.97 4.84
C ASP A 50 -40.78 7.59 6.19
N GLY A 51 -39.83 8.19 6.93
CA GLY A 51 -40.16 8.81 8.18
C GLY A 51 -39.93 7.98 9.42
N LYS A 52 -39.23 6.86 9.23
CA LYS A 52 -38.88 6.05 10.38
C LYS A 52 -37.90 6.83 11.24
N THR A 53 -37.74 6.37 12.47
CA THR A 53 -36.80 7.02 13.40
C THR A 53 -35.43 6.37 13.25
N VAL A 54 -34.38 7.07 13.75
CA VAL A 54 -33.04 6.52 13.73
C VAL A 54 -33.03 5.21 14.54
N ALA A 55 -33.78 5.16 15.63
CA ALA A 55 -33.82 3.93 16.48
C ALA A 55 -34.47 2.79 15.73
N MET A 56 -35.52 3.04 14.95
CA MET A 56 -36.16 1.98 14.20
C MET A 56 -35.17 1.40 13.18
N LEU A 57 -34.40 2.30 12.55
CA LEU A 57 -33.50 1.83 11.50
C LEU A 57 -32.28 1.12 12.02
N MET A 58 -31.81 1.51 13.21
CA MET A 58 -30.72 0.79 13.84
C MET A 58 -31.17 -0.66 14.06
N GLU A 59 -32.43 -0.86 14.45
CA GLU A 59 -32.97 -2.18 14.69
C GLU A 59 -33.18 -2.90 13.35
N GLU A 60 -33.93 -2.26 12.44
CA GLU A 60 -34.27 -2.94 11.20
C GLU A 60 -33.08 -3.30 10.35
N GLY A 61 -32.04 -2.48 10.38
CA GLY A 61 -30.84 -2.70 9.57
C GLY A 61 -30.12 -3.98 9.89
N LYS A 62 -30.41 -4.57 11.05
CA LYS A 62 -29.79 -5.83 11.40
C LYS A 62 -30.53 -7.03 10.80
N HIS A 63 -31.65 -6.81 10.15
CA HIS A 63 -32.51 -7.87 9.64
C HIS A 63 -32.77 -7.79 8.13
N VAL A 64 -32.01 -6.98 7.42
CA VAL A 64 -32.18 -6.81 5.99
C VAL A 64 -31.59 -7.96 5.21
N LEU A 65 -30.40 -8.39 5.61
CA LEU A 65 -29.71 -9.51 5.02
C LEU A 65 -29.23 -10.43 6.15
N THR A 66 -29.29 -11.73 5.89
CA THR A 66 -28.77 -12.72 6.84
C THR A 66 -27.57 -13.43 6.24
N ARG A 67 -26.83 -14.24 6.97
CA ARG A 67 -25.62 -14.85 6.45
C ARG A 67 -25.83 -15.72 5.22
N ASP A 68 -27.00 -16.37 5.15
CA ASP A 68 -27.30 -17.17 3.98
C ASP A 68 -27.53 -16.35 2.72
N ASP A 69 -27.69 -15.02 2.83
CA ASP A 69 -27.86 -14.18 1.66
C ASP A 69 -26.52 -13.76 1.06
N VAL A 70 -25.41 -13.97 1.76
CA VAL A 70 -24.13 -13.41 1.37
C VAL A 70 -23.05 -14.48 1.29
N MET A 71 -21.96 -14.14 0.62
CA MET A 71 -20.83 -15.06 0.48
C MET A 71 -20.14 -15.27 1.83
N GLU A 72 -19.39 -16.37 1.85
CA GLU A 72 -18.60 -16.67 3.05
C GLU A 72 -17.72 -15.48 3.40
N GLY A 73 -17.65 -15.15 4.69
CA GLY A 73 -16.80 -14.07 5.14
C GLY A 73 -17.39 -12.69 5.09
N VAL A 74 -18.42 -12.48 4.27
CA VAL A 74 -19.02 -11.14 4.18
C VAL A 74 -19.59 -10.66 5.48
N PRO A 75 -20.27 -11.46 6.28
CA PRO A 75 -20.81 -10.98 7.56
C PRO A 75 -19.68 -10.40 8.38
N GLU A 76 -18.53 -11.09 8.45
CA GLU A 76 -17.43 -10.68 9.28
C GLU A 76 -16.65 -9.49 8.73
N MET A 77 -16.72 -9.22 7.43
CA MET A 77 -16.17 -8.05 6.80
C MET A 77 -16.91 -6.76 7.13
N ILE A 78 -18.19 -6.85 7.40
CA ILE A 78 -19.02 -5.67 7.65
C ILE A 78 -19.21 -5.47 9.15
N ASP A 79 -18.37 -4.61 9.73
CA ASP A 79 -18.53 -4.33 11.17
C ASP A 79 -19.66 -3.37 11.43
N ASP A 80 -19.86 -2.40 10.52
CA ASP A 80 -21.00 -1.51 10.66
C ASP A 80 -21.24 -0.83 9.32
N ILE A 81 -22.44 -0.34 9.14
CA ILE A 81 -22.82 0.41 7.96
C ILE A 81 -23.39 1.71 8.50
N GLN A 82 -22.86 2.78 7.96
CA GLN A 82 -23.28 4.13 8.37
C GLN A 82 -23.88 4.83 7.16
N ALA A 83 -24.94 5.59 7.40
CA ALA A 83 -25.59 6.36 6.34
C ALA A 83 -26.24 7.57 6.96
N GLU A 84 -26.16 8.69 6.22
CA GLU A 84 -26.82 9.90 6.59
C GLU A 84 -27.92 10.19 5.58
N ALA A 85 -29.10 10.53 6.11
CA ALA A 85 -30.20 10.83 5.21
C ALA A 85 -31.06 11.92 5.86
N THR A 86 -31.96 12.47 5.07
CA THR A 86 -32.83 13.53 5.57
C THR A 86 -34.09 12.86 6.13
N PHE A 87 -34.17 12.94 7.44
CA PHE A 87 -35.37 12.49 8.17
C PHE A 87 -36.37 13.64 8.16
N PRO A 88 -37.55 13.46 8.73
CA PRO A 88 -38.51 14.55 8.84
C PRO A 88 -37.91 15.69 9.66
N ASP A 89 -37.04 15.37 10.63
CA ASP A 89 -36.33 16.35 11.43
C ASP A 89 -34.92 16.64 10.97
N GLY A 90 -34.63 16.57 9.67
CA GLY A 90 -33.32 16.94 9.16
C GLY A 90 -32.40 15.73 8.99
N THR A 91 -31.17 16.04 8.58
CA THR A 91 -30.19 14.99 8.36
C THR A 91 -29.81 14.36 9.70
N LYS A 92 -29.74 13.04 9.71
CA LYS A 92 -29.28 12.32 10.88
C LYS A 92 -28.43 11.15 10.35
N LEU A 93 -27.54 10.71 11.23
CA LEU A 93 -26.68 9.57 11.00
C LEU A 93 -27.26 8.33 11.65
N VAL A 94 -27.32 7.28 10.86
CA VAL A 94 -27.69 5.95 11.25
C VAL A 94 -26.46 5.05 11.22
N THR A 95 -26.17 4.38 12.33
CA THR A 95 -25.13 3.36 12.31
C THR A 95 -25.75 2.01 12.65
N VAL A 96 -25.59 1.04 11.77
CA VAL A 96 -26.09 -0.30 11.97
C VAL A 96 -24.85 -1.12 12.32
N HIS A 97 -24.78 -1.64 13.54
CA HIS A 97 -23.62 -2.42 13.96
C HIS A 97 -23.82 -3.91 13.66
N ASN A 98 -22.80 -4.58 13.13
CA ASN A 98 -22.88 -5.98 12.76
C ASN A 98 -24.22 -6.32 12.14
N PRO A 99 -24.49 -5.75 10.96
CA PRO A 99 -25.78 -5.89 10.30
C PRO A 99 -26.12 -7.29 9.91
N ILE A 100 -25.12 -8.10 9.59
CA ILE A 100 -25.37 -9.48 9.16
C ILE A 100 -24.70 -10.39 10.21
N SER A 101 -25.46 -11.25 10.91
CA SER A 101 -24.74 -12.01 11.95
C SER A 101 -23.91 -13.16 11.40
N ASN B 5 -11.50 -24.62 6.07
CA ASN B 5 -12.12 -23.95 7.20
C ASN B 5 -12.63 -22.58 6.66
N TYR B 6 -13.57 -22.03 7.37
CA TYR B 6 -14.21 -20.79 7.01
C TYR B 6 -13.20 -19.63 7.02
N ILE B 7 -13.23 -18.85 5.97
CA ILE B 7 -12.28 -17.75 5.77
C ILE B 7 -12.90 -16.43 6.21
N VAL B 8 -12.27 -15.82 7.22
CA VAL B 8 -12.67 -14.45 7.56
C VAL B 8 -11.56 -13.58 6.97
N PRO B 9 -11.85 -12.86 5.92
CA PRO B 9 -10.83 -12.02 5.24
C PRO B 9 -10.07 -11.15 6.24
N GLY B 10 -8.74 -11.16 6.17
CA GLY B 10 -7.92 -10.31 7.01
C GLY B 10 -7.83 -10.70 8.46
N GLU B 11 -8.35 -11.89 8.83
CA GLU B 11 -8.36 -12.23 10.24
C GLU B 11 -6.95 -12.42 10.81
N TYR B 12 -6.90 -12.19 12.12
CA TYR B 12 -5.70 -12.50 12.87
C TYR B 12 -5.73 -13.97 13.36
N ARG B 13 -4.52 -14.47 13.52
CA ARG B 13 -4.25 -15.73 14.24
C ARG B 13 -3.14 -15.37 15.22
N VAL B 14 -3.56 -14.91 16.40
CA VAL B 14 -2.56 -14.43 17.36
C VAL B 14 -1.79 -15.57 18.01
N ALA B 15 -0.55 -15.28 18.39
CA ALA B 15 0.24 -16.30 19.09
C ALA B 15 -0.31 -16.55 20.47
N GLU B 16 0.23 -17.59 21.13
CA GLU B 16 -0.22 -17.84 22.51
C GLU B 16 0.53 -16.91 23.44
N GLY B 17 -0.03 -16.69 24.61
CA GLY B 17 0.65 -15.91 25.63
C GLY B 17 -0.10 -14.62 25.95
N GLU B 18 0.58 -13.79 26.70
CA GLU B 18 0.07 -12.52 27.13
C GLU B 18 1.21 -11.49 27.07
N ILE B 19 0.80 -10.24 26.97
CA ILE B 19 1.80 -9.17 26.88
C ILE B 19 1.83 -8.44 28.20
N GLU B 20 2.99 -8.40 28.84
CA GLU B 20 3.14 -7.67 30.08
C GLU B 20 3.52 -6.22 29.76
N ILE B 21 2.76 -5.26 30.23
CA ILE B 21 3.11 -3.87 30.04
C ILE B 21 4.00 -3.31 31.14
N ASN B 22 4.82 -2.34 30.75
CA ASN B 22 5.68 -1.61 31.68
C ASN B 22 6.49 -2.59 32.52
N ALA B 23 7.06 -3.59 31.86
CA ALA B 23 7.77 -4.65 32.57
C ALA B 23 9.05 -4.10 33.16
N GLY B 24 9.36 -4.63 34.37
CA GLY B 24 10.62 -4.19 34.99
C GLY B 24 10.54 -2.85 35.71
N ARG B 25 9.42 -2.13 35.69
CA ARG B 25 9.31 -0.86 36.38
C ARG B 25 8.59 -1.02 37.72
N GLU B 26 9.03 -0.27 38.70
CA GLU B 26 8.35 -0.36 40.02
C GLU B 26 6.89 0.01 39.87
N LYS B 27 6.02 -0.71 40.58
CA LYS B 27 4.61 -0.48 40.63
C LYS B 27 4.22 0.01 42.03
N THR B 28 3.23 0.89 42.12
CA THR B 28 2.78 1.44 43.39
C THR B 28 1.26 1.53 43.37
N THR B 29 0.61 1.09 44.44
CA THR B 29 -0.84 1.23 44.54
C THR B 29 -1.18 2.35 45.51
N ILE B 30 -2.05 3.27 45.09
CA ILE B 30 -2.48 4.35 45.93
C ILE B 30 -4.00 4.53 45.83
N ARG B 31 -4.59 5.10 46.86
CA ARG B 31 -6.01 5.41 46.91
C ARG B 31 -6.16 6.85 46.43
N VAL B 32 -7.18 7.07 45.61
CA VAL B 32 -7.43 8.40 45.02
C VAL B 32 -8.92 8.68 45.08
N SER B 33 -9.30 9.87 45.54
CA SER B 33 -10.68 10.26 45.67
C SER B 33 -11.00 11.47 44.82
N ASN B 34 -12.11 11.38 44.07
CA ASN B 34 -12.60 12.53 43.33
C ASN B 34 -13.50 13.32 44.29
N THR B 35 -12.94 14.40 44.85
CA THR B 35 -13.68 15.25 45.78
C THR B 35 -14.59 16.24 45.06
N GLY B 36 -14.53 16.27 43.75
CA GLY B 36 -15.33 17.22 42.96
C GLY B 36 -16.69 16.63 42.64
N ASP B 37 -17.52 17.43 41.96
CA ASP B 37 -18.88 17.01 41.69
C ASP B 37 -19.09 16.70 40.22
N ARG B 38 -17.98 16.63 39.49
CA ARG B 38 -18.03 16.30 38.05
C ARG B 38 -17.05 15.17 37.84
N PRO B 39 -17.27 14.32 36.85
CA PRO B 39 -16.43 13.16 36.60
C PRO B 39 -15.05 13.53 36.08
N ILE B 40 -14.07 12.75 36.50
CA ILE B 40 -12.68 12.95 36.09
C ILE B 40 -12.13 11.64 35.53
N GLN B 41 -11.61 11.71 34.32
CA GLN B 41 -11.00 10.54 33.67
C GLN B 41 -9.54 10.88 33.36
N VAL B 42 -8.64 9.98 33.69
CA VAL B 42 -7.20 10.17 33.67
C VAL B 42 -6.52 9.20 32.73
N GLY B 43 -5.80 9.77 31.75
CA GLY B 43 -5.15 8.94 30.75
C GLY B 43 -3.93 8.21 31.29
N SER B 44 -3.52 7.19 30.54
CA SER B 44 -2.39 6.36 30.92
C SER B 44 -1.07 7.12 31.13
N HIS B 45 -0.82 8.22 30.38
CA HIS B 45 0.50 8.81 30.31
C HIS B 45 0.62 10.21 30.87
N ILE B 46 -0.38 10.66 31.59
CA ILE B 46 -0.27 11.95 32.25
C ILE B 46 0.52 11.77 33.58
N HIS B 47 1.53 12.59 33.76
CA HIS B 47 2.32 12.64 35.01
C HIS B 47 1.35 12.68 36.18
N PHE B 48 1.30 11.69 37.06
CA PHE B 48 0.15 11.54 37.92
C PHE B 48 -0.05 12.66 38.92
N VAL B 49 1.06 13.25 39.40
CA VAL B 49 0.98 14.35 40.33
C VAL B 49 0.33 15.58 39.73
N GLU B 50 0.22 15.68 38.40
CA GLU B 50 -0.33 16.90 37.79
C GLU B 50 -1.78 16.78 37.40
N VAL B 51 -2.48 15.75 37.85
CA VAL B 51 -3.90 15.63 37.58
C VAL B 51 -4.70 16.66 38.38
N ASN B 52 -5.95 16.78 37.94
CA ASN B 52 -6.96 17.68 38.48
C ASN B 52 -6.78 17.90 39.98
N LYS B 53 -6.71 19.16 40.40
CA LYS B 53 -6.55 19.54 41.81
C LYS B 53 -7.55 18.83 42.71
N GLU B 54 -8.78 18.55 42.28
CA GLU B 54 -9.81 18.03 43.18
C GLU B 54 -9.67 16.54 43.44
N LEU B 55 -8.75 15.87 42.75
CA LEU B 55 -8.39 14.50 43.07
C LEU B 55 -7.50 14.55 44.32
N LEU B 56 -7.96 13.88 45.36
CA LEU B 56 -7.24 13.85 46.65
C LEU B 56 -6.52 12.52 46.76
N PHE B 57 -5.22 12.57 46.88
CA PHE B 57 -4.32 11.44 47.05
C PHE B 57 -2.99 11.98 47.57
N ASP B 58 -2.11 11.06 47.99
CA ASP B 58 -0.78 11.46 48.45
C ASP B 58 0.01 11.95 47.25
N ARG B 59 0.04 13.26 47.00
CA ARG B 59 0.62 13.81 45.77
C ARG B 59 2.04 13.36 45.54
N ALA B 60 2.83 13.22 46.61
CA ALA B 60 4.21 12.80 46.49
C ALA B 60 4.32 11.46 45.79
N GLU B 61 3.32 10.58 45.97
CA GLU B 61 3.31 9.26 45.39
C GLU B 61 2.94 9.30 43.91
N GLY B 62 2.56 10.46 43.38
CA GLY B 62 2.29 10.56 41.95
C GLY B 62 3.50 11.08 41.18
N ILE B 63 4.55 11.52 41.88
CA ILE B 63 5.68 12.17 41.25
C ILE B 63 6.53 11.14 40.51
N GLY B 64 6.81 11.44 39.24
CA GLY B 64 7.60 10.55 38.43
C GLY B 64 6.92 9.27 38.00
N ARG B 65 5.58 9.25 38.07
CA ARG B 65 4.76 8.09 37.81
C ARG B 65 3.56 8.45 36.92
N ARG B 66 2.91 7.37 36.50
CA ARG B 66 1.71 7.46 35.66
C ARG B 66 0.93 6.17 35.89
N LEU B 67 -0.31 6.15 35.42
CA LEU B 67 -1.12 4.94 35.59
C LEU B 67 -0.52 3.73 34.89
N ASN B 68 -0.53 2.59 35.62
CA ASN B 68 -0.10 1.32 35.05
C ASN B 68 -1.22 0.56 34.36
N ILE B 69 -1.70 1.16 33.27
CA ILE B 69 -2.83 0.68 32.48
C ILE B 69 -2.39 0.72 31.03
N PRO B 70 -3.03 -0.11 30.21
CA PRO B 70 -2.68 -0.20 28.80
C PRO B 70 -2.58 1.18 28.17
N SER B 71 -1.54 1.34 27.35
CA SER B 71 -1.34 2.59 26.65
C SER B 71 -2.62 3.05 25.95
N GLY B 72 -3.06 4.28 26.15
CA GLY B 72 -4.22 4.84 25.51
C GLY B 72 -5.54 4.66 26.22
N THR B 73 -5.53 3.98 27.37
CA THR B 73 -6.73 3.80 28.16
C THR B 73 -6.69 4.83 29.30
N ALA B 74 -7.77 4.86 30.08
CA ALA B 74 -7.89 5.81 31.16
C ALA B 74 -8.65 5.24 32.35
N ALA B 75 -8.41 5.84 33.49
CA ALA B 75 -9.14 5.48 34.70
C ALA B 75 -10.25 6.53 34.93
N ARG B 76 -11.43 6.08 35.33
CA ARG B 76 -12.53 7.02 35.52
C ARG B 76 -12.92 7.14 36.98
N PHE B 77 -13.10 8.36 37.48
CA PHE B 77 -13.59 8.65 38.81
C PHE B 77 -14.89 9.43 38.74
N GLU B 78 -16.01 8.80 39.06
CA GLU B 78 -17.27 9.53 39.12
C GLU B 78 -17.16 10.48 40.31
N PRO B 79 -18.04 11.47 40.33
CA PRO B 79 -18.13 12.43 41.41
C PRO B 79 -18.25 11.73 42.76
N GLY B 80 -17.31 12.02 43.65
CA GLY B 80 -17.28 11.47 44.99
C GLY B 80 -16.65 10.09 45.06
N GLU B 81 -16.22 9.52 43.95
CA GLU B 81 -15.67 8.16 43.99
C GLU B 81 -14.23 8.08 44.44
N GLU B 82 -13.96 7.15 45.34
CA GLU B 82 -12.62 6.88 45.83
C GLU B 82 -12.28 5.44 45.45
N MET B 83 -11.14 5.20 44.86
CA MET B 83 -10.72 3.85 44.50
C MET B 83 -9.22 3.76 44.45
N GLU B 84 -8.71 2.52 44.42
CA GLU B 84 -7.27 2.37 44.34
C GLU B 84 -6.90 2.32 42.86
N VAL B 85 -5.71 2.85 42.56
CA VAL B 85 -5.17 2.70 41.19
C VAL B 85 -3.74 2.19 41.37
N GLU B 86 -3.17 1.60 40.33
CA GLU B 86 -1.80 1.15 40.32
C GLU B 86 -1.03 2.08 39.37
N LEU B 87 0.07 2.62 39.87
CA LEU B 87 0.96 3.46 39.11
C LEU B 87 2.22 2.71 38.71
N THR B 88 2.82 3.15 37.61
CA THR B 88 4.14 2.67 37.18
C THR B 88 5.02 3.93 37.04
N GLU B 89 6.32 3.70 36.92
CA GLU B 89 7.31 4.74 36.79
C GLU B 89 7.33 5.29 35.35
N LEU B 90 7.53 6.60 35.27
CA LEU B 90 7.83 7.20 34.00
C LEU B 90 9.21 6.68 33.57
N GLY B 91 9.51 6.68 32.30
CA GLY B 91 10.79 6.22 31.77
C GLY B 91 11.49 7.32 31.00
N GLY B 92 12.28 6.92 30.00
CA GLY B 92 13.06 7.88 29.23
C GLY B 92 13.92 8.71 30.16
N ASN B 93 13.97 10.01 29.90
CA ASN B 93 14.77 10.94 30.68
C ASN B 93 14.14 11.26 32.03
N ARG B 94 12.89 10.83 32.29
CA ARG B 94 12.21 11.13 33.52
C ARG B 94 12.22 12.61 33.85
N GLU B 95 11.68 13.34 32.84
CA GLU B 95 11.47 14.75 32.88
C GLU B 95 10.04 15.02 32.40
N VAL B 96 9.44 15.99 33.01
CA VAL B 96 8.08 16.37 32.57
C VAL B 96 8.06 17.87 32.41
N PHE B 97 7.48 18.29 31.26
CA PHE B 97 7.34 19.69 30.95
C PHE B 97 5.88 19.97 30.62
N GLY B 98 5.42 21.16 30.93
CA GLY B 98 4.05 21.52 30.64
C GLY B 98 3.04 20.85 31.53
N ILE B 99 1.93 20.42 30.91
CA ILE B 99 0.79 19.81 31.57
C ILE B 99 0.19 20.80 32.57
N SER B 100 0.50 20.71 33.86
CA SER B 100 -0.02 21.65 34.84
C SER B 100 1.08 22.61 35.28
N ASP B 101 2.26 22.51 34.66
CA ASP B 101 3.37 23.36 35.00
C ASP B 101 3.86 23.15 36.45
N LEU B 102 3.74 21.91 36.92
CA LEU B 102 4.22 21.60 38.26
C LEU B 102 5.65 21.10 38.25
N THR B 103 6.17 20.59 37.14
CA THR B 103 7.49 20.00 37.12
C THR B 103 8.48 20.78 36.29
N ASN B 104 8.20 20.89 34.99
CA ASN B 104 9.14 21.58 34.09
C ASN B 104 10.59 21.28 34.36
N GLY B 105 10.93 20.00 34.26
CA GLY B 105 12.29 19.52 34.44
C GLY B 105 12.27 18.10 34.95
N SER B 106 13.32 17.80 35.72
CA SER B 106 13.40 16.45 36.27
C SER B 106 12.31 16.17 37.26
N VAL B 107 11.84 14.92 37.25
CA VAL B 107 10.86 14.51 38.26
C VAL B 107 11.57 14.24 39.59
N ASP B 108 12.88 14.31 39.65
CA ASP B 108 13.61 14.12 40.90
C ASP B 108 13.44 15.29 41.86
N ASN B 109 12.97 16.45 41.44
CA ASN B 109 12.83 17.66 42.23
C ASN B 109 11.52 17.65 43.01
N LYS B 110 11.37 16.65 43.86
CA LYS B 110 10.11 16.44 44.58
C LYS B 110 9.70 17.63 45.41
N GLU B 111 10.63 18.25 46.16
CA GLU B 111 10.28 19.37 46.99
C GLU B 111 9.72 20.53 46.20
N LEU B 112 10.32 20.80 45.03
CA LEU B 112 9.80 21.89 44.20
C LEU B 112 8.45 21.58 43.62
N ILE B 113 8.26 20.35 43.15
CA ILE B 113 6.96 19.98 42.59
C ILE B 113 5.86 20.11 43.63
N LEU B 114 6.13 19.60 44.83
CA LEU B 114 5.16 19.66 45.94
C LEU B 114 4.89 21.06 46.41
N GLN B 115 5.91 21.91 46.45
CA GLN B 115 5.72 23.32 46.81
C GLN B 115 4.76 23.97 45.83
N ARG B 116 5.02 23.73 44.53
CA ARG B 116 4.12 24.33 43.54
C ARG B 116 2.70 23.80 43.63
N ALA B 117 2.58 22.49 43.78
CA ALA B 117 1.29 21.81 43.91
C ALA B 117 0.52 22.36 45.10
N LYS B 118 1.22 22.49 46.23
CA LYS B 118 0.52 23.02 47.42
C LYS B 118 0.05 24.46 47.25
N GLU B 119 0.88 25.32 46.68
CA GLU B 119 0.54 26.72 46.49
C GLU B 119 -0.66 26.88 45.57
N LEU B 120 -0.77 26.00 44.57
CA LEU B 120 -1.87 26.06 43.62
C LEU B 120 -3.10 25.28 44.04
N GLY B 121 -3.10 24.63 45.20
CA GLY B 121 -4.29 23.93 45.65
C GLY B 121 -4.52 22.54 45.09
N TYR B 122 -3.49 21.82 44.64
CA TYR B 122 -3.61 20.44 44.24
C TYR B 122 -3.73 19.61 45.52
N LYS B 123 -4.87 18.98 45.75
CA LYS B 123 -5.14 18.35 47.03
C LYS B 123 -4.24 17.16 47.31
N GLY B 124 -3.84 17.08 48.58
CA GLY B 124 -3.08 15.95 49.07
C GLY B 124 -1.58 16.15 49.19
N VAL B 125 -1.13 17.39 49.28
CA VAL B 125 0.30 17.60 49.53
C VAL B 125 0.49 17.50 51.05
N GLU B 126 1.30 16.55 51.41
CA GLU B 126 1.73 16.05 52.68
C GLU B 126 0.67 15.09 53.24
N MET C 1 0.76 -5.95 35.16
CA MET C 1 -0.51 -6.15 34.42
C MET C 1 -0.25 -6.74 33.05
N LYS C 2 -1.02 -7.73 32.62
CA LYS C 2 -0.82 -8.32 31.31
C LYS C 2 -2.12 -8.24 30.50
N ILE C 3 -1.96 -8.19 29.20
CA ILE C 3 -3.05 -8.08 28.23
C ILE C 3 -3.04 -9.36 27.37
N ASN C 4 -4.17 -10.05 27.16
CA ASN C 4 -4.01 -11.24 26.32
C ASN C 4 -3.74 -10.78 24.89
N ARG C 5 -3.18 -11.70 24.10
CA ARG C 5 -2.79 -11.30 22.74
C ARG C 5 -3.92 -10.90 21.82
N GLN C 6 -5.11 -11.47 21.94
CA GLN C 6 -6.23 -11.08 21.13
C GLN C 6 -6.57 -9.61 21.33
N GLN C 7 -6.72 -9.22 22.60
CA GLN C 7 -7.01 -7.86 22.97
C GLN C 7 -5.87 -6.93 22.56
N TYR C 8 -4.61 -7.35 22.73
CA TYR C 8 -3.46 -6.55 22.36
C TYR C 8 -3.57 -6.26 20.88
N ALA C 9 -3.75 -7.33 20.09
CA ALA C 9 -3.79 -7.09 18.63
C ALA C 9 -4.96 -6.23 18.22
N GLU C 10 -6.11 -6.38 18.89
CA GLU C 10 -7.24 -5.51 18.54
C GLU C 10 -6.92 -4.06 18.78
N SER C 11 -6.24 -3.72 19.86
CA SER C 11 -5.94 -2.35 20.19
C SER C 11 -4.75 -1.71 19.50
N TYR C 12 -3.67 -2.45 19.28
CA TYR C 12 -2.42 -1.89 18.78
C TYR C 12 -1.93 -2.52 17.48
N GLY C 13 -2.70 -3.43 16.94
CA GLY C 13 -2.26 -4.17 15.77
C GLY C 13 -1.44 -5.35 16.34
N PRO C 14 -1.10 -6.31 15.52
CA PRO C 14 -0.43 -7.53 15.92
C PRO C 14 1.01 -7.26 16.43
N THR C 15 1.51 -8.25 17.18
CA THR C 15 2.87 -8.18 17.68
C THR C 15 3.58 -9.51 17.41
N VAL C 16 4.81 -9.64 17.90
CA VAL C 16 5.69 -10.73 17.48
C VAL C 16 5.03 -12.09 17.57
N GLY C 17 5.10 -12.86 16.48
CA GLY C 17 4.51 -14.15 16.43
C GLY C 17 3.08 -14.23 15.95
N ASP C 18 2.34 -13.13 16.01
CA ASP C 18 0.97 -13.07 15.54
C ASP C 18 1.00 -13.15 14.00
N GLU C 19 -0.07 -13.73 13.45
CA GLU C 19 -0.24 -13.85 12.02
C GLU C 19 -1.49 -13.10 11.58
N VAL C 20 -1.46 -12.70 10.31
CA VAL C 20 -2.56 -11.96 9.72
C VAL C 20 -2.86 -12.56 8.34
N ARG C 21 -4.11 -12.84 8.03
CA ARG C 21 -4.46 -13.37 6.70
C ARG C 21 -4.45 -12.22 5.68
N LEU C 22 -3.88 -12.45 4.51
CA LEU C 22 -3.92 -11.41 3.46
C LEU C 22 -5.24 -11.56 2.69
N ALA C 23 -6.11 -10.58 2.89
CA ALA C 23 -7.43 -10.57 2.27
C ALA C 23 -8.10 -11.92 2.48
N ASP C 24 -8.66 -12.49 1.44
CA ASP C 24 -9.33 -13.78 1.51
C ASP C 24 -8.53 -14.91 0.88
N THR C 25 -7.21 -14.65 0.80
CA THR C 25 -6.30 -15.70 0.35
C THR C 25 -6.03 -16.65 1.50
N ASP C 26 -5.23 -17.67 1.24
CA ASP C 26 -4.77 -18.56 2.31
C ASP C 26 -3.35 -18.14 2.74
N LEU C 27 -2.87 -16.95 2.42
CA LEU C 27 -1.56 -16.52 2.81
C LEU C 27 -1.58 -15.83 4.17
N TRP C 28 -0.66 -16.25 5.02
CA TRP C 28 -0.54 -15.67 6.35
C TRP C 28 0.82 -15.05 6.55
N ILE C 29 0.88 -13.82 7.00
CA ILE C 29 2.13 -13.18 7.32
C ILE C 29 2.23 -13.11 8.83
N GLU C 30 3.46 -13.24 9.29
CA GLU C 30 3.77 -13.27 10.71
C GLU C 30 4.68 -12.11 11.09
N VAL C 31 4.35 -11.45 12.21
CA VAL C 31 5.18 -10.36 12.71
C VAL C 31 6.54 -10.89 13.17
N GLU C 32 7.62 -10.50 12.47
CA GLU C 32 8.93 -11.04 12.80
C GLU C 32 9.58 -10.41 14.02
N LYS C 33 9.35 -9.13 14.22
CA LYS C 33 9.89 -8.34 15.34
C LYS C 33 9.02 -7.12 15.51
N ASP C 34 9.22 -6.43 16.62
CA ASP C 34 8.38 -5.27 16.96
C ASP C 34 9.29 -4.31 17.72
N TYR C 35 9.30 -3.05 17.23
CA TYR C 35 10.15 -2.02 17.77
C TYR C 35 9.57 -1.31 18.98
N THR C 36 8.36 -1.66 19.41
CA THR C 36 7.75 -0.97 20.53
C THR C 36 8.35 -1.30 21.88
N THR C 37 7.89 -0.58 22.86
CA THR C 37 8.14 -0.86 24.28
C THR C 37 6.74 -1.14 24.85
N TYR C 38 6.43 -2.37 25.22
CA TYR C 38 5.06 -2.68 25.65
C TYR C 38 4.64 -1.83 26.86
N GLY C 39 3.54 -1.11 26.68
CA GLY C 39 3.03 -0.16 27.64
C GLY C 39 3.26 1.29 27.19
N ASP C 40 4.17 1.51 26.24
CA ASP C 40 4.47 2.85 25.75
C ASP C 40 4.16 2.99 24.25
N GLU C 41 3.23 2.15 23.80
CA GLU C 41 2.75 2.24 22.43
C GLU C 41 2.22 3.66 22.18
N VAL C 42 2.53 4.19 20.99
CA VAL C 42 1.99 5.51 20.64
C VAL C 42 0.58 5.28 20.09
N ASN C 43 -0.32 6.19 20.37
CA ASN C 43 -1.68 6.20 19.86
C ASN C 43 -2.22 7.61 20.09
N PHE C 44 -3.24 7.96 19.30
CA PHE C 44 -3.76 9.32 19.27
C PHE C 44 -5.28 9.31 19.43
N GLY C 45 -5.77 10.26 20.20
CA GLY C 45 -7.21 10.43 20.44
C GLY C 45 -7.44 10.97 21.87
N GLY C 46 -8.72 10.98 22.24
CA GLY C 46 -9.11 11.51 23.53
C GLY C 46 -8.53 10.62 24.62
N GLY C 47 -7.82 11.23 25.58
CA GLY C 47 -7.18 10.51 26.66
C GLY C 47 -6.06 9.58 26.26
N LYS C 48 -5.56 9.71 25.03
CA LYS C 48 -4.56 8.78 24.54
C LYS C 48 -3.16 9.31 24.73
N VAL C 49 -2.16 8.60 24.24
CA VAL C 49 -0.78 8.87 24.57
C VAL C 49 -0.16 10.09 23.98
N LEU C 50 -0.53 10.41 22.72
CA LEU C 50 0.16 11.52 22.04
C LEU C 50 -0.49 12.84 22.29
N ARG C 51 -0.25 13.31 23.51
CA ARG C 51 -0.72 14.55 24.09
C ARG C 51 0.41 15.27 24.81
N GLU C 52 0.34 16.59 24.74
CA GLU C 52 1.43 17.46 25.20
C GLU C 52 1.84 17.17 26.63
N GLY C 53 3.14 16.95 26.86
CA GLY C 53 3.76 16.62 28.11
C GLY C 53 3.79 15.14 28.37
N MET C 54 3.10 14.39 27.53
CA MET C 54 2.96 12.92 27.67
C MET C 54 3.71 12.30 26.52
N GLY C 55 3.06 11.58 25.62
CA GLY C 55 3.66 11.00 24.42
C GLY C 55 4.06 12.05 23.38
N GLU C 56 3.48 13.24 23.42
CA GLU C 56 3.91 14.34 22.61
C GLU C 56 4.78 15.28 23.42
N ASN C 57 5.98 15.50 22.88
CA ASN C 57 6.92 16.44 23.49
C ASN C 57 6.46 17.88 23.27
N GLY C 58 6.50 18.73 24.27
CA GLY C 58 6.05 20.11 24.15
C GLY C 58 7.17 21.14 24.01
N THR C 59 8.41 20.67 24.00
CA THR C 59 9.58 21.50 24.05
C THR C 59 10.25 21.78 22.72
N TYR C 60 10.45 20.78 21.89
CA TYR C 60 11.26 20.91 20.69
C TYR C 60 10.58 21.51 19.48
N THR C 61 11.38 22.38 18.85
CA THR C 61 10.93 22.89 17.53
C THR C 61 11.02 21.78 16.52
N ARG C 62 10.46 22.06 15.33
CA ARG C 62 10.44 21.04 14.27
C ARG C 62 11.81 20.53 13.90
N THR C 63 12.81 21.45 13.85
CA THR C 63 14.12 20.97 13.41
C THR C 63 14.80 20.06 14.44
N GLU C 64 14.38 20.09 15.67
CA GLU C 64 15.03 19.36 16.73
C GLU C 64 14.43 17.97 16.91
N ASN C 65 14.63 17.06 15.95
CA ASN C 65 14.22 15.69 16.00
C ASN C 65 12.75 15.41 16.08
N VAL C 66 11.94 16.40 15.63
CA VAL C 66 10.52 16.25 15.65
C VAL C 66 10.05 15.88 14.24
N LEU C 67 9.06 15.01 14.17
CA LEU C 67 8.52 14.55 12.90
C LEU C 67 7.41 15.41 12.34
N ASP C 68 7.24 15.40 11.02
CA ASP C 68 6.05 15.99 10.42
C ASP C 68 4.87 15.05 10.55
N LEU C 69 5.12 13.75 10.56
CA LEU C 69 4.07 12.74 10.53
C LEU C 69 4.62 11.50 11.21
N LEU C 70 3.75 10.88 12.00
CA LEU C 70 4.05 9.59 12.59
C LEU C 70 2.88 8.64 12.23
N LEU C 71 3.21 7.53 11.59
CA LEU C 71 2.28 6.45 11.38
C LEU C 71 2.49 5.53 12.58
N THR C 72 1.48 5.44 13.44
CA THR C 72 1.64 4.60 14.64
C THR C 72 1.31 3.13 14.39
N ASN C 73 2.10 2.22 14.96
CA ASN C 73 1.74 0.82 15.04
C ASN C 73 1.53 0.14 13.68
N ALA C 74 2.42 0.42 12.71
CA ALA C 74 2.28 -0.20 11.40
C ALA C 74 2.81 -1.63 11.35
N LEU C 75 2.08 -2.48 10.62
CA LEU C 75 2.57 -3.78 10.25
C LEU C 75 3.18 -3.66 8.87
N ILE C 76 4.48 -3.49 8.81
CA ILE C 76 5.20 -3.30 7.56
C ILE C 76 5.38 -4.64 6.87
N LEU C 77 5.10 -4.64 5.56
CA LEU C 77 5.32 -5.76 4.68
C LEU C 77 6.19 -5.26 3.56
N ASP C 78 7.45 -5.69 3.54
CA ASP C 78 8.45 -5.12 2.65
C ASP C 78 9.53 -6.14 2.36
N TYR C 79 10.35 -5.92 1.35
CA TYR C 79 11.43 -6.86 1.08
C TYR C 79 12.39 -6.95 2.27
N THR C 80 12.47 -5.87 3.05
CA THR C 80 13.38 -5.81 4.19
C THR C 80 12.85 -6.60 5.40
N GLY C 81 11.58 -6.96 5.44
CA GLY C 81 11.04 -7.70 6.58
C GLY C 81 9.55 -7.49 6.71
N ILE C 82 8.93 -8.27 7.56
CA ILE C 82 7.51 -8.18 7.93
C ILE C 82 7.58 -7.95 9.46
N TYR C 83 7.33 -6.72 9.88
CA TYR C 83 7.55 -6.38 11.27
C TYR C 83 6.73 -5.16 11.68
N LYS C 84 6.64 -4.94 12.97
CA LYS C 84 5.81 -3.88 13.55
C LYS C 84 6.70 -2.73 13.99
N ALA C 85 6.30 -1.51 13.57
CA ALA C 85 7.07 -0.34 13.92
C ALA C 85 6.19 0.89 13.70
N ASP C 86 6.60 1.98 14.30
CA ASP C 86 6.10 3.30 13.97
C ASP C 86 6.97 3.79 12.80
N ILE C 87 6.35 4.59 11.92
CA ILE C 87 7.11 5.14 10.80
C ILE C 87 7.04 6.65 10.90
N GLY C 88 8.22 7.27 10.88
CA GLY C 88 8.30 8.73 11.01
C GLY C 88 8.73 9.33 9.69
N VAL C 89 8.01 10.37 9.29
CA VAL C 89 8.20 11.08 8.03
C VAL C 89 8.48 12.54 8.32
N LYS C 90 9.38 13.10 7.54
CA LYS C 90 9.79 14.50 7.65
C LYS C 90 10.35 14.95 6.31
N ASP C 91 9.92 16.16 5.95
CA ASP C 91 10.30 16.76 4.67
C ASP C 91 9.88 15.86 3.50
N GLY C 92 8.82 15.08 3.64
CA GLY C 92 8.30 14.22 2.62
C GLY C 92 9.02 12.90 2.49
N TYR C 93 10.00 12.60 3.35
CA TYR C 93 10.79 11.36 3.28
C TYR C 93 10.59 10.57 4.57
N ILE C 94 10.82 9.27 4.50
CA ILE C 94 10.85 8.40 5.64
C ILE C 94 12.16 8.69 6.37
N VAL C 95 12.10 9.21 7.59
CA VAL C 95 13.33 9.51 8.33
C VAL C 95 13.59 8.56 9.47
N GLY C 96 12.56 7.83 9.91
CA GLY C 96 12.72 6.92 11.03
C GLY C 96 11.74 5.78 10.93
N ILE C 97 12.24 4.57 11.20
CA ILE C 97 11.36 3.40 11.38
C ILE C 97 11.77 2.88 12.76
N GLY C 98 10.85 2.87 13.71
CA GLY C 98 11.22 2.48 15.05
C GLY C 98 10.09 2.75 16.01
N LYS C 99 10.39 3.61 16.99
CA LYS C 99 9.41 3.88 18.03
C LYS C 99 9.32 5.36 18.29
N GLY C 100 8.12 5.90 18.01
CA GLY C 100 7.88 7.31 18.14
C GLY C 100 7.30 7.70 19.50
N GLY C 101 7.44 8.99 19.81
CA GLY C 101 6.88 9.44 21.08
C GLY C 101 7.75 10.54 21.69
N ASN C 102 7.82 10.48 23.00
CA ASN C 102 8.47 11.55 23.77
C ASN C 102 9.54 10.97 24.68
N PRO C 103 10.77 11.33 24.47
CA PRO C 103 11.87 10.82 25.27
C PRO C 103 11.80 11.36 26.68
N ASP C 104 10.99 12.38 26.95
CA ASP C 104 10.85 12.89 28.31
C ASP C 104 10.47 11.71 29.21
N ILE C 105 9.44 10.95 28.82
CA ILE C 105 8.79 9.98 29.67
C ILE C 105 8.68 8.57 29.14
N MET C 106 9.03 8.29 27.91
CA MET C 106 8.94 6.95 27.34
C MET C 106 10.32 6.34 27.10
N ASP C 107 10.35 5.01 27.29
CA ASP C 107 11.55 4.28 27.03
C ASP C 107 11.54 3.91 25.52
N GLY C 108 12.76 3.71 25.03
CA GLY C 108 12.99 3.22 23.67
C GLY C 108 12.54 4.12 22.53
N VAL C 109 12.48 5.44 22.69
CA VAL C 109 12.04 6.27 21.55
C VAL C 109 13.24 6.48 20.65
N THR C 110 13.03 6.22 19.34
CA THR C 110 14.08 6.43 18.33
C THR C 110 14.39 7.92 18.35
N PRO C 111 15.64 8.33 18.38
CA PRO C 111 16.01 9.70 18.68
C PRO C 111 15.46 10.78 17.76
N ASN C 112 15.22 10.45 16.50
CA ASN C 112 14.68 11.43 15.58
C ASN C 112 13.21 11.20 15.30
N MET C 113 12.51 10.50 16.15
CA MET C 113 11.08 10.18 16.02
C MET C 113 10.26 10.80 17.14
N ILE C 114 10.61 12.05 17.48
CA ILE C 114 9.83 12.73 18.51
C ILE C 114 8.54 13.27 17.89
N VAL C 115 7.44 12.94 18.58
CA VAL C 115 6.15 13.56 18.32
C VAL C 115 6.13 14.90 19.03
N GLY C 116 5.99 15.97 18.24
CA GLY C 116 6.04 17.31 18.81
C GLY C 116 4.89 18.14 18.31
N THR C 117 5.00 19.44 18.53
CA THR C 117 3.92 20.33 18.06
C THR C 117 3.71 20.19 16.56
N ALA C 118 4.80 19.96 15.83
CA ALA C 118 4.76 19.89 14.38
C ALA C 118 4.27 18.57 13.76
N THR C 119 3.89 17.62 14.60
CA THR C 119 3.60 16.33 14.12
C THR C 119 2.14 15.97 13.92
N GLU C 120 1.83 15.51 12.71
CA GLU C 120 0.55 14.93 12.35
C GLU C 120 0.61 13.42 12.66
N VAL C 121 -0.58 12.86 12.92
CA VAL C 121 -0.63 11.43 13.23
C VAL C 121 -1.59 10.66 12.33
N ILE C 122 -1.09 9.53 11.84
CA ILE C 122 -1.90 8.56 11.10
C ILE C 122 -1.87 7.26 11.91
N ALA C 123 -3.05 6.80 12.31
CA ALA C 123 -3.09 5.55 13.10
C ALA C 123 -2.99 4.36 12.11
N ALA C 124 -1.94 3.57 12.20
CA ALA C 124 -1.77 2.41 11.34
C ALA C 124 -2.03 1.10 12.11
N GLU C 125 -2.40 1.17 13.41
CA GLU C 125 -2.72 -0.03 14.16
C GLU C 125 -3.81 -0.82 13.44
N GLY C 126 -3.54 -2.09 13.19
CA GLY C 126 -4.51 -2.95 12.51
C GLY C 126 -4.39 -2.83 10.99
N LYS C 127 -3.47 -2.01 10.49
CA LYS C 127 -3.26 -1.93 9.05
C LYS C 127 -1.91 -2.55 8.67
N ILE C 128 -1.88 -3.01 7.42
CA ILE C 128 -0.64 -3.41 6.77
C ILE C 128 -0.17 -2.24 5.88
N VAL C 129 1.09 -1.87 6.05
CA VAL C 129 1.70 -0.77 5.33
C VAL C 129 2.77 -1.29 4.43
N THR C 130 2.68 -0.94 3.15
CA THR C 130 3.69 -1.32 2.17
C THR C 130 4.15 -0.04 1.48
N ALA C 131 5.26 -0.15 0.81
CA ALA C 131 5.70 0.86 -0.17
C ALA C 131 4.62 0.96 -1.25
N GLY C 132 4.57 2.12 -1.90
CA GLY C 132 3.76 2.25 -3.12
C GLY C 132 4.33 1.37 -4.23
N GLY C 133 3.41 0.81 -5.01
CA GLY C 133 3.84 -0.04 -6.11
C GLY C 133 4.45 0.81 -7.22
N ILE C 134 5.41 0.18 -7.86
CA ILE C 134 6.22 0.76 -8.93
C ILE C 134 5.87 0.00 -10.20
N ASP C 135 5.05 0.63 -11.04
CA ASP C 135 4.61 0.01 -12.28
C ASP C 135 5.50 0.57 -13.41
N THR C 136 6.35 -0.28 -13.94
CA THR C 136 7.31 0.10 -14.98
C THR C 136 6.86 -0.24 -16.38
N HIS C 137 5.62 -0.64 -16.56
CA HIS C 137 5.09 -0.95 -17.89
C HIS C 137 3.76 -0.25 -18.12
N VAL C 138 3.82 1.07 -18.25
CA VAL C 138 2.60 1.87 -18.34
C VAL C 138 2.47 2.51 -19.73
N HIS C 139 1.33 2.26 -20.38
CA HIS C 139 1.05 3.01 -21.61
C HIS C 139 0.20 4.23 -21.20
N PHE C 140 0.71 5.40 -21.46
CA PHE C 140 -0.05 6.64 -21.14
C PHE C 140 -1.06 6.86 -22.24
N ILE C 141 -2.27 6.38 -22.01
CA ILE C 141 -3.32 6.36 -23.02
C ILE C 141 -4.53 7.14 -22.59
N ASN C 142 -4.89 7.11 -21.33
CA ASN C 142 -6.13 7.73 -20.84
C ASN C 142 -5.87 8.24 -19.45
N PRO C 143 -5.90 9.53 -19.17
CA PRO C 143 -5.56 10.07 -17.86
C PRO C 143 -6.35 9.47 -16.71
N ASP C 144 -7.55 8.94 -17.00
CA ASP C 144 -8.39 8.26 -16.01
C ASP C 144 -7.69 7.02 -15.42
N GLN C 145 -6.62 6.55 -16.06
CA GLN C 145 -5.86 5.40 -15.60
C GLN C 145 -5.09 5.69 -14.31
N VAL C 146 -4.85 6.96 -14.01
CA VAL C 146 -4.05 7.25 -12.80
C VAL C 146 -4.81 6.87 -11.53
N ASP C 147 -6.06 7.28 -11.42
CA ASP C 147 -6.85 6.93 -10.25
C ASP C 147 -7.00 5.41 -10.09
N VAL C 148 -7.14 4.73 -11.22
CA VAL C 148 -7.21 3.26 -11.23
C VAL C 148 -5.96 2.68 -10.57
N ALA C 149 -4.81 3.22 -10.96
CA ALA C 149 -3.55 2.79 -10.36
C ALA C 149 -3.46 3.12 -8.88
N LEU C 150 -3.79 4.35 -8.49
CA LEU C 150 -3.73 4.76 -7.07
C LEU C 150 -4.63 3.88 -6.18
N ALA C 151 -5.79 3.51 -6.69
CA ALA C 151 -6.79 2.76 -5.96
C ALA C 151 -6.25 1.36 -5.59
N ASN C 152 -5.33 0.81 -6.39
CA ASN C 152 -4.74 -0.48 -6.10
C ASN C 152 -3.32 -0.33 -5.60
N GLY C 153 -2.96 0.83 -5.04
CA GLY C 153 -1.71 0.99 -4.34
C GLY C 153 -0.46 1.27 -5.17
N ILE C 154 -0.67 1.71 -6.40
CA ILE C 154 0.49 2.05 -7.24
C ILE C 154 0.81 3.51 -7.11
N THR C 155 2.08 3.86 -6.91
CA THR C 155 2.48 5.24 -6.70
C THR C 155 3.51 5.76 -7.71
N THR C 156 4.03 4.91 -8.58
CA THR C 156 4.97 5.34 -9.63
C THR C 156 4.58 4.68 -10.93
N LEU C 157 4.44 5.47 -12.01
CA LEU C 157 4.15 4.97 -13.34
C LEU C 157 5.34 5.32 -14.25
N PHE C 158 6.01 4.29 -14.77
CA PHE C 158 7.10 4.39 -15.70
C PHE C 158 6.57 3.78 -17.01
N GLY C 159 6.75 4.55 -18.08
CA GLY C 159 6.30 4.05 -19.40
C GLY C 159 6.30 5.16 -20.41
N GLY C 160 5.33 5.14 -21.31
CA GLY C 160 5.36 6.17 -22.35
C GLY C 160 3.97 6.22 -22.99
N GLY C 161 3.83 7.32 -23.75
CA GLY C 161 2.63 7.50 -24.58
C GLY C 161 2.19 8.94 -24.55
N THR C 162 1.39 9.25 -25.55
CA THR C 162 0.90 10.62 -25.72
C THR C 162 -0.62 10.71 -25.65
N GLY C 163 -1.28 9.68 -25.12
CA GLY C 163 -2.73 9.58 -25.16
C GLY C 163 -3.06 8.51 -26.19
N PRO C 164 -4.26 8.44 -26.67
CA PRO C 164 -4.77 7.35 -27.48
C PRO C 164 -4.41 7.41 -28.96
N ALA C 165 -3.14 7.69 -29.19
CA ALA C 165 -2.51 7.58 -30.50
C ALA C 165 -2.10 6.13 -30.70
N GLU C 166 -2.16 5.61 -31.91
CA GLU C 166 -1.79 4.21 -32.14
C GLU C 166 -0.41 3.82 -31.67
N GLY C 167 0.59 4.73 -31.77
CA GLY C 167 1.94 4.37 -31.31
C GLY C 167 1.89 4.06 -29.81
N SER C 168 1.20 4.95 -29.07
CA SER C 168 1.07 4.80 -27.63
C SER C 168 0.18 3.64 -27.17
N LYS C 169 -0.87 3.37 -27.91
CA LYS C 169 -1.79 2.27 -27.66
C LYS C 169 -1.05 0.95 -27.81
N ALA C 170 0.00 0.92 -28.66
CA ALA C 170 0.76 -0.33 -28.83
C ALA C 170 2.00 -0.41 -27.97
N THR C 171 2.65 0.74 -27.73
CA THR C 171 4.02 0.77 -27.20
C THR C 171 4.20 1.82 -26.11
N THR C 172 5.02 1.46 -25.11
CA THR C 172 5.27 2.41 -24.03
C THR C 172 6.31 3.45 -24.43
N VAL C 173 5.96 4.34 -25.37
CA VAL C 173 6.90 5.24 -26.02
C VAL C 173 6.26 6.63 -26.12
N THR C 174 7.08 7.61 -25.71
CA THR C 174 6.78 9.03 -25.97
C THR C 174 7.93 9.44 -26.89
N PRO C 175 7.67 9.53 -28.21
CA PRO C 175 8.73 9.70 -29.15
C PRO C 175 9.24 11.10 -29.38
N GLY C 176 10.55 11.27 -29.31
CA GLY C 176 11.22 12.48 -29.67
C GLY C 176 11.16 13.59 -28.70
N PRO C 177 12.03 14.58 -28.87
CA PRO C 177 12.10 15.69 -27.94
C PRO C 177 10.79 16.44 -27.73
N TRP C 178 10.02 16.70 -28.77
CA TRP C 178 8.83 17.51 -28.58
C TRP C 178 7.74 16.75 -27.81
N ASN C 179 7.45 15.50 -28.19
CA ASN C 179 6.42 14.77 -27.45
C ASN C 179 6.85 14.58 -26.02
N ILE C 180 8.14 14.33 -25.79
CA ILE C 180 8.64 14.15 -24.39
C ILE C 180 8.41 15.42 -23.61
N GLU C 181 8.80 16.60 -24.12
CA GLU C 181 8.56 17.86 -23.47
C GLU C 181 7.06 18.06 -23.16
N LYS C 182 6.19 17.75 -24.12
CA LYS C 182 4.76 17.90 -23.95
C LYS C 182 4.27 17.03 -22.79
N MET C 183 4.71 15.75 -22.78
CA MET C 183 4.28 14.82 -21.72
C MET C 183 4.91 15.16 -20.37
N LEU C 184 6.10 15.76 -20.33
CA LEU C 184 6.68 16.21 -19.07
C LEU C 184 5.76 17.30 -18.52
N LYS C 185 5.25 18.19 -19.40
CA LYS C 185 4.36 19.25 -18.95
C LYS C 185 3.00 18.71 -18.51
N SER C 186 2.47 17.73 -19.21
CA SER C 186 1.21 17.07 -18.83
C SER C 186 1.33 16.47 -17.44
N THR C 187 2.52 15.87 -17.22
CA THR C 187 2.83 15.20 -15.97
C THR C 187 2.67 16.08 -14.75
N GLU C 188 2.87 17.40 -14.88
CA GLU C 188 2.67 18.36 -13.80
C GLU C 188 1.27 18.21 -13.21
N GLY C 189 0.29 17.70 -13.92
CA GLY C 189 -1.06 17.54 -13.40
C GLY C 189 -1.45 16.13 -13.03
N LEU C 190 -0.56 15.15 -13.05
CA LEU C 190 -0.91 13.75 -12.77
C LEU C 190 -0.46 13.46 -11.35
N PRO C 191 -1.36 13.04 -10.47
CA PRO C 191 -1.05 12.84 -9.07
C PRO C 191 -0.43 11.49 -8.78
N ILE C 192 0.74 11.25 -9.36
CA ILE C 192 1.49 9.98 -9.21
C ILE C 192 2.91 10.26 -9.69
N ASN C 193 3.91 9.50 -9.24
CA ASN C 193 5.26 9.70 -9.74
C ASN C 193 5.27 9.20 -11.21
N VAL C 194 6.10 9.82 -12.02
CA VAL C 194 6.20 9.39 -13.43
C VAL C 194 7.63 9.42 -13.94
N GLY C 195 7.92 8.50 -14.86
CA GLY C 195 9.17 8.51 -15.64
C GLY C 195 8.74 8.17 -17.09
N ILE C 196 9.33 8.83 -18.08
CA ILE C 196 8.90 8.68 -19.46
C ILE C 196 9.98 7.98 -20.29
N LEU C 197 9.54 7.02 -21.08
CA LEU C 197 10.42 6.29 -21.98
C LEU C 197 10.37 6.83 -23.41
N GLY C 198 11.55 7.07 -24.02
CA GLY C 198 11.58 7.45 -25.43
C GLY C 198 11.59 6.20 -26.30
N LYS C 199 11.57 6.46 -27.61
CA LYS C 199 11.56 5.39 -28.62
C LYS C 199 12.96 4.81 -28.72
N GLY C 200 13.15 3.55 -28.42
CA GLY C 200 14.43 2.87 -28.42
C GLY C 200 14.73 2.33 -29.82
N HIS C 201 14.59 3.14 -30.85
CA HIS C 201 14.67 2.81 -32.23
C HIS C 201 15.46 3.83 -33.06
N GLY C 202 16.31 3.27 -33.89
CA GLY C 202 17.15 4.07 -34.80
C GLY C 202 18.44 3.34 -35.13
N SER C 203 19.11 3.83 -36.19
CA SER C 203 20.39 3.21 -36.56
C SER C 203 21.55 4.18 -36.35
N SER C 204 21.27 5.41 -36.01
CA SER C 204 22.22 6.44 -35.61
C SER C 204 21.94 6.79 -34.15
N ILE C 205 22.99 7.15 -33.43
CA ILE C 205 22.84 7.46 -32.01
C ILE C 205 22.05 8.70 -31.74
N ALA C 206 22.30 9.79 -32.48
CA ALA C 206 21.74 11.12 -32.20
C ALA C 206 20.24 11.19 -32.06
N PRO C 207 19.45 10.61 -32.96
CA PRO C 207 18.00 10.62 -32.87
C PRO C 207 17.53 9.98 -31.58
N ILE C 208 18.22 8.93 -31.10
CA ILE C 208 17.83 8.24 -29.88
C ILE C 208 18.24 9.05 -28.64
N MET C 209 19.52 9.41 -28.58
CA MET C 209 20.07 10.19 -27.50
C MET C 209 19.35 11.49 -27.27
N GLU C 210 18.90 12.19 -28.30
CA GLU C 210 18.28 13.50 -28.08
C GLU C 210 17.02 13.41 -27.23
N GLN C 211 16.40 12.22 -27.20
CA GLN C 211 15.23 11.95 -26.36
C GLN C 211 15.67 11.94 -24.90
N ILE C 212 16.78 11.28 -24.61
CA ILE C 212 17.33 11.25 -23.27
C ILE C 212 17.61 12.68 -22.77
N ASP C 213 18.32 13.43 -23.60
CA ASP C 213 18.69 14.80 -23.26
C ASP C 213 17.44 15.70 -23.10
N ALA C 214 16.35 15.34 -23.80
CA ALA C 214 15.12 16.10 -23.71
C ALA C 214 14.35 15.85 -22.40
N GLY C 215 14.68 14.78 -21.67
CA GLY C 215 14.02 14.53 -20.39
C GLY C 215 13.46 13.10 -20.26
N ALA C 216 13.66 12.23 -21.24
CA ALA C 216 13.24 10.85 -21.05
C ALA C 216 14.11 10.22 -19.94
N ALA C 217 13.49 9.27 -19.26
CA ALA C 217 14.09 8.54 -18.14
C ALA C 217 14.54 7.14 -18.50
N GLY C 218 14.39 6.75 -19.78
CA GLY C 218 14.75 5.43 -20.25
C GLY C 218 14.27 5.31 -21.69
N LEU C 219 14.41 4.10 -22.21
CA LEU C 219 13.97 3.80 -23.57
C LEU C 219 13.12 2.52 -23.59
N KCX C 220 12.27 2.47 -24.61
CA KCX C 220 11.50 1.22 -24.87
CB KCX C 220 9.98 1.48 -24.80
CG KCX C 220 9.11 0.32 -25.33
CD KCX C 220 9.30 -0.97 -24.51
CE KCX C 220 8.26 -2.04 -24.94
NZ KCX C 220 6.93 -1.49 -24.59
C KCX C 220 11.80 0.81 -26.31
O KCX C 220 11.61 1.57 -27.28
CX KCX C 220 5.84 -2.44 -24.62
OQ1 KCX C 220 4.67 -1.91 -24.43
OQ2 KCX C 220 6.01 -3.67 -24.82
N ILE C 221 12.30 -0.43 -26.45
CA ILE C 221 12.44 -1.10 -27.76
C ILE C 221 11.17 -1.95 -27.94
N HIS C 222 10.43 -1.73 -29.02
CA HIS C 222 9.17 -2.45 -29.24
C HIS C 222 9.17 -2.95 -30.68
N GLU C 223 8.73 -4.21 -30.87
CA GLU C 223 8.71 -4.74 -32.24
C GLU C 223 7.85 -3.91 -33.18
N ASP C 224 6.82 -3.18 -32.69
CA ASP C 224 6.01 -2.40 -33.62
C ASP C 224 6.80 -1.24 -34.26
N TRP C 225 7.92 -0.84 -33.69
CA TRP C 225 8.80 0.13 -34.29
C TRP C 225 10.03 -0.51 -34.97
N GLY C 226 10.08 -1.84 -34.96
CA GLY C 226 11.21 -2.58 -35.51
C GLY C 226 12.22 -2.91 -34.41
N ALA C 227 12.04 -4.06 -33.75
CA ALA C 227 12.90 -4.55 -32.68
C ALA C 227 14.07 -5.32 -33.32
N THR C 228 14.79 -4.58 -34.14
CA THR C 228 15.88 -5.18 -34.97
C THR C 228 17.16 -5.17 -34.18
N PRO C 229 18.16 -5.95 -34.61
CA PRO C 229 19.44 -5.91 -33.97
C PRO C 229 20.02 -4.50 -33.89
N ALA C 230 19.83 -3.65 -34.87
CA ALA C 230 20.40 -2.31 -34.88
C ALA C 230 19.71 -1.45 -33.83
N SER C 231 18.37 -1.49 -33.79
CA SER C 231 17.69 -0.66 -32.79
C SER C 231 18.05 -1.07 -31.37
N ILE C 232 18.19 -2.39 -31.18
CA ILE C 232 18.56 -2.92 -29.87
C ILE C 232 19.94 -2.37 -29.50
N ASP C 233 20.87 -2.54 -30.43
CA ASP C 233 22.27 -2.12 -30.18
C ASP C 233 22.37 -0.62 -29.90
N ARG C 234 21.76 0.20 -30.76
CA ARG C 234 21.92 1.65 -30.57
C ARG C 234 21.31 2.10 -29.24
N SER C 235 20.15 1.56 -28.92
CA SER C 235 19.48 1.90 -27.67
C SER C 235 20.34 1.54 -26.46
N LEU C 236 20.97 0.36 -26.49
CA LEU C 236 21.81 -0.02 -25.37
C LEU C 236 23.09 0.81 -25.30
N THR C 237 23.62 1.23 -26.44
CA THR C 237 24.79 2.11 -26.42
C THR C 237 24.44 3.45 -25.79
N VAL C 238 23.27 3.98 -26.16
CA VAL C 238 22.76 5.21 -25.55
C VAL C 238 22.57 5.01 -24.05
N ALA C 239 21.91 3.92 -23.67
CA ALA C 239 21.62 3.70 -22.24
C ALA C 239 22.90 3.60 -21.43
N ASP C 240 23.88 2.87 -21.98
CA ASP C 240 25.13 2.74 -21.21
C ASP C 240 25.83 4.10 -21.05
N GLU C 241 25.67 5.04 -21.98
CA GLU C 241 26.29 6.35 -21.82
C GLU C 241 25.50 7.24 -20.88
N ALA C 242 24.15 7.13 -20.97
CA ALA C 242 23.25 7.99 -20.24
C ALA C 242 22.88 7.52 -18.87
N ASP C 243 23.16 6.27 -18.54
CA ASP C 243 22.79 5.68 -17.27
C ASP C 243 21.26 5.64 -17.07
N VAL C 244 20.55 5.10 -18.05
CA VAL C 244 19.10 4.89 -17.99
C VAL C 244 18.79 3.45 -18.41
N GLN C 245 17.60 2.96 -18.05
CA GLN C 245 17.26 1.60 -18.40
C GLN C 245 16.55 1.53 -19.76
N VAL C 246 16.70 0.38 -20.39
CA VAL C 246 16.08 0.00 -21.63
C VAL C 246 15.13 -1.19 -21.38
N ALA C 247 13.88 -1.02 -21.80
CA ALA C 247 12.90 -2.10 -21.77
C ALA C 247 12.79 -2.67 -23.20
N ILE C 248 12.52 -3.97 -23.30
CA ILE C 248 12.37 -4.52 -24.63
C ILE C 248 11.10 -5.40 -24.70
N HIS C 249 10.43 -5.26 -25.79
CA HIS C 249 9.36 -6.10 -26.35
C HIS C 249 9.95 -6.55 -27.68
N SER C 250 10.44 -7.78 -27.72
CA SER C 250 11.22 -8.28 -28.83
C SER C 250 10.40 -8.72 -30.05
N ASP C 251 11.15 -9.14 -31.07
CA ASP C 251 10.60 -9.52 -32.35
C ASP C 251 9.85 -10.83 -32.33
N THR C 252 8.56 -10.83 -32.01
CA THR C 252 7.70 -11.98 -31.93
C THR C 252 7.75 -12.81 -33.20
N LEU C 253 7.73 -12.11 -34.31
CA LEU C 253 7.71 -12.68 -35.64
C LEU C 253 9.02 -13.37 -36.00
N ASN C 254 10.07 -13.19 -35.22
CA ASN C 254 11.40 -13.72 -35.51
C ASN C 254 11.85 -13.27 -36.87
N GLU C 255 11.46 -12.05 -37.25
CA GLU C 255 11.66 -11.58 -38.61
C GLU C 255 13.15 -11.37 -38.93
N ALA C 256 13.85 -10.66 -38.05
CA ALA C 256 15.26 -10.39 -38.27
C ALA C 256 16.14 -11.32 -37.45
N GLY C 257 15.59 -12.16 -36.57
CA GLY C 257 16.34 -13.07 -35.76
C GLY C 257 15.42 -13.87 -34.86
N PHE C 258 16.00 -14.87 -34.24
CA PHE C 258 15.38 -15.62 -33.15
C PHE C 258 15.92 -15.07 -31.86
N LEU C 259 15.45 -15.62 -30.74
CA LEU C 259 15.87 -15.09 -29.43
C LEU C 259 17.37 -14.94 -29.35
N GLU C 260 18.14 -15.97 -29.76
CA GLU C 260 19.60 -15.89 -29.67
C GLU C 260 20.18 -14.72 -30.44
N ASP C 261 19.52 -14.25 -31.51
CA ASP C 261 20.00 -13.06 -32.21
C ASP C 261 19.76 -11.79 -31.41
N THR C 262 18.62 -11.73 -30.72
CA THR C 262 18.36 -10.56 -29.86
C THR C 262 19.32 -10.59 -28.67
N LEU C 263 19.60 -11.75 -28.07
CA LEU C 263 20.62 -11.79 -27.05
C LEU C 263 22.00 -11.40 -27.57
N ARG C 264 22.40 -11.83 -28.78
CA ARG C 264 23.68 -11.42 -29.31
C ARG C 264 23.74 -9.91 -29.49
N ALA C 265 22.69 -9.25 -29.97
CA ALA C 265 22.66 -7.79 -30.11
C ALA C 265 22.75 -7.09 -28.74
N ILE C 266 22.14 -7.69 -27.72
CA ILE C 266 22.23 -7.15 -26.38
C ILE C 266 23.69 -7.20 -25.91
N ASN C 267 24.34 -8.32 -26.20
CA ASN C 267 25.76 -8.51 -25.96
C ASN C 267 26.16 -8.33 -24.51
N GLY C 268 25.34 -8.89 -23.61
CA GLY C 268 25.68 -8.85 -22.18
C GLY C 268 25.30 -7.60 -21.45
N ARG C 269 24.78 -6.62 -22.14
CA ARG C 269 24.39 -5.34 -21.52
C ARG C 269 23.09 -5.56 -20.74
N VAL C 270 22.86 -4.72 -19.74
CA VAL C 270 21.65 -4.86 -18.92
C VAL C 270 20.42 -4.43 -19.69
N ILE C 271 19.35 -5.18 -19.55
CA ILE C 271 18.08 -4.81 -20.20
C ILE C 271 16.92 -5.33 -19.39
N HIS C 272 15.82 -4.60 -19.42
CA HIS C 272 14.60 -5.04 -18.74
C HIS C 272 13.72 -5.72 -19.82
N SER C 273 13.46 -7.01 -19.62
CA SER C 273 12.62 -7.76 -20.54
C SER C 273 11.17 -7.71 -20.08
N PHE C 274 10.35 -6.91 -20.79
CA PHE C 274 8.94 -6.80 -20.48
C PHE C 274 8.17 -8.07 -20.84
N HIS C 275 7.00 -8.28 -20.20
CA HIS C 275 6.12 -9.41 -20.44
C HIS C 275 6.92 -10.62 -20.93
N VAL C 276 7.79 -11.09 -20.03
CA VAL C 276 8.80 -12.07 -20.43
C VAL C 276 8.17 -13.37 -20.84
N GLU C 277 6.96 -13.67 -20.33
CA GLU C 277 6.32 -14.93 -20.76
C GLU C 277 6.04 -14.90 -22.27
N GLY C 278 5.72 -13.73 -22.80
CA GLY C 278 5.52 -13.60 -24.23
C GLY C 278 4.13 -13.50 -24.77
N ALA C 279 3.06 -13.71 -24.00
CA ALA C 279 1.71 -13.45 -24.47
C ALA C 279 1.63 -11.96 -24.82
N GLY C 280 2.28 -11.11 -24.00
CA GLY C 280 2.25 -9.68 -24.27
C GLY C 280 3.21 -9.26 -25.37
N GLY C 281 4.09 -10.15 -25.82
CA GLY C 281 4.95 -9.89 -26.95
C GLY C 281 6.32 -10.49 -26.80
N GLY C 282 6.91 -10.98 -27.90
CA GLY C 282 8.29 -11.42 -27.85
C GLY C 282 8.47 -12.67 -28.70
N HIS C 283 9.70 -12.91 -29.12
CA HIS C 283 10.06 -14.05 -29.93
C HIS C 283 9.23 -15.28 -29.61
N ALA C 284 8.48 -15.75 -30.61
CA ALA C 284 7.66 -16.92 -30.39
C ALA C 284 8.45 -18.20 -30.67
N PRO C 285 8.38 -19.18 -29.81
CA PRO C 285 7.63 -19.28 -28.59
C PRO C 285 8.43 -19.14 -27.31
N ASP C 286 9.72 -18.81 -27.49
CA ASP C 286 10.71 -19.03 -26.45
C ASP C 286 11.24 -17.80 -25.77
N ILE C 287 10.61 -16.62 -25.95
CA ILE C 287 11.10 -15.41 -25.27
C ILE C 287 11.29 -15.57 -23.80
N MET C 288 10.47 -16.38 -23.09
CA MET C 288 10.60 -16.50 -21.65
C MET C 288 11.97 -16.98 -21.22
N ALA C 289 12.72 -17.64 -22.12
CA ALA C 289 14.08 -18.06 -21.79
C ALA C 289 15.01 -16.89 -21.47
N MET C 290 14.65 -15.65 -21.81
CA MET C 290 15.41 -14.48 -21.36
C MET C 290 15.54 -14.41 -19.85
N ALA C 291 14.56 -14.89 -19.12
CA ALA C 291 14.52 -14.76 -17.64
C ALA C 291 15.57 -15.60 -16.95
N GLY C 292 16.28 -16.44 -17.71
CA GLY C 292 17.33 -17.22 -17.08
C GLY C 292 18.66 -16.48 -17.05
N HIS C 293 18.82 -15.40 -17.81
CA HIS C 293 20.11 -14.77 -18.07
C HIS C 293 20.49 -13.73 -17.02
N PRO C 294 21.77 -13.55 -16.72
CA PRO C 294 22.22 -12.69 -15.67
C PRO C 294 22.07 -11.20 -15.91
N ASN C 295 22.08 -10.81 -17.17
CA ASN C 295 21.99 -9.42 -17.60
C ASN C 295 20.55 -9.01 -17.90
N VAL C 296 19.60 -9.91 -17.67
CA VAL C 296 18.21 -9.61 -17.93
C VAL C 296 17.48 -9.35 -16.62
N LEU C 297 16.70 -8.25 -16.58
CA LEU C 297 15.84 -7.97 -15.42
C LEU C 297 14.44 -8.28 -15.96
N PRO C 298 13.84 -9.38 -15.57
CA PRO C 298 12.64 -9.89 -16.24
C PRO C 298 11.37 -9.51 -15.53
N SER C 299 10.38 -8.98 -16.26
CA SER C 299 9.10 -8.73 -15.62
C SER C 299 7.96 -9.39 -16.39
N SER C 300 6.87 -9.66 -15.67
CA SER C 300 5.65 -10.10 -16.29
C SER C 300 4.72 -8.88 -16.38
N THR C 301 3.79 -8.92 -17.32
CA THR C 301 2.65 -8.01 -17.31
C THR C 301 1.50 -8.79 -16.68
N ASN C 302 0.37 -8.14 -16.38
CA ASN C 302 -0.57 -8.87 -15.56
C ASN C 302 -1.69 -9.68 -16.08
N PRO C 303 -2.05 -9.69 -17.37
CA PRO C 303 -3.25 -10.46 -17.74
C PRO C 303 -3.04 -11.96 -17.63
N THR C 304 -1.79 -12.41 -17.74
CA THR C 304 -1.52 -13.84 -17.63
C THR C 304 -1.39 -14.28 -16.19
N ARG C 305 -1.47 -13.32 -15.27
CA ARG C 305 -1.24 -13.63 -13.86
C ARG C 305 -2.49 -13.74 -13.01
N PRO C 306 -2.74 -14.88 -12.40
CA PRO C 306 -2.10 -16.16 -12.56
C PRO C 306 -2.84 -16.98 -13.62
N PHE C 307 -2.42 -18.21 -13.88
CA PHE C 307 -3.07 -18.97 -14.97
C PHE C 307 -4.44 -19.50 -14.54
N THR C 308 -5.50 -19.05 -15.22
CA THR C 308 -6.86 -19.42 -14.84
C THR C 308 -7.60 -20.05 -16.01
N VAL C 309 -8.76 -20.64 -15.74
CA VAL C 309 -9.51 -21.31 -16.79
C VAL C 309 -10.01 -20.39 -17.88
N ASN C 310 -10.17 -19.07 -17.66
CA ASN C 310 -10.57 -18.18 -18.73
C ASN C 310 -9.40 -17.49 -19.40
N THR C 311 -8.19 -17.62 -18.91
CA THR C 311 -7.03 -16.94 -19.47
C THR C 311 -6.85 -17.16 -20.96
N ILE C 312 -6.77 -18.41 -21.41
CA ILE C 312 -6.48 -18.61 -22.85
C ILE C 312 -7.59 -18.08 -23.74
N ASP C 313 -8.83 -18.42 -23.45
CA ASP C 313 -9.95 -17.94 -24.25
C ASP C 313 -9.96 -16.43 -24.33
N GLU C 314 -9.72 -15.76 -23.20
CA GLU C 314 -9.70 -14.32 -23.18
C GLU C 314 -8.54 -13.80 -24.05
N HIS C 315 -7.32 -14.36 -23.86
CA HIS C 315 -6.15 -13.83 -24.58
C HIS C 315 -6.23 -14.10 -26.07
N LEU C 316 -6.63 -15.31 -26.48
CA LEU C 316 -6.68 -15.60 -27.91
C LEU C 316 -7.60 -14.59 -28.57
N ASP C 317 -8.79 -14.44 -27.99
CA ASP C 317 -9.71 -13.42 -28.50
C ASP C 317 -9.10 -12.03 -28.42
N MET C 318 -8.52 -11.63 -27.29
CA MET C 318 -7.95 -10.30 -27.07
C MET C 318 -6.92 -9.99 -28.16
N LEU C 319 -6.04 -10.96 -28.41
CA LEU C 319 -5.01 -10.83 -29.44
C LEU C 319 -5.62 -10.62 -30.83
N MET C 320 -6.63 -11.43 -31.15
CA MET C 320 -7.32 -11.30 -32.42
C MET C 320 -7.92 -9.90 -32.57
N VAL C 321 -8.64 -9.46 -31.55
CA VAL C 321 -9.25 -8.14 -31.53
C VAL C 321 -8.21 -7.05 -31.78
N CYS C 322 -7.18 -7.03 -30.94
CA CYS C 322 -6.16 -6.00 -31.01
C CYS C 322 -5.28 -6.00 -32.25
N HIS C 323 -5.03 -7.14 -32.86
CA HIS C 323 -4.19 -7.23 -34.05
C HIS C 323 -5.04 -7.33 -35.31
N HIS C 324 -6.35 -7.28 -35.14
CA HIS C 324 -7.31 -7.38 -36.24
C HIS C 324 -7.05 -8.67 -37.03
N LEU C 325 -6.92 -9.78 -36.30
CA LEU C 325 -6.70 -11.08 -36.88
C LEU C 325 -8.04 -11.72 -37.24
N LYS C 326 -8.10 -12.35 -38.40
CA LYS C 326 -9.34 -13.02 -38.79
C LYS C 326 -9.15 -14.49 -38.48
N GLN C 327 -10.15 -15.21 -38.00
CA GLN C 327 -10.05 -16.62 -37.67
C GLN C 327 -10.10 -17.53 -38.89
N ASN C 328 -10.14 -16.91 -40.04
CA ASN C 328 -10.18 -17.27 -41.41
C ASN C 328 -8.83 -17.44 -42.11
N ILE C 329 -7.98 -16.45 -41.86
CA ILE C 329 -6.64 -16.43 -42.44
C ILE C 329 -5.76 -17.31 -41.56
N PRO C 330 -5.36 -18.44 -42.13
CA PRO C 330 -4.55 -19.44 -41.48
C PRO C 330 -3.32 -18.84 -40.82
N GLU C 331 -2.67 -17.87 -41.46
CA GLU C 331 -1.49 -17.24 -40.90
C GLU C 331 -1.79 -16.49 -39.60
N ASP C 332 -2.94 -15.83 -39.56
CA ASP C 332 -3.34 -15.11 -38.36
C ASP C 332 -3.65 -16.12 -37.26
N VAL C 333 -4.35 -17.21 -37.53
CA VAL C 333 -4.61 -18.21 -36.49
C VAL C 333 -3.31 -18.84 -36.02
N ALA C 334 -2.42 -19.16 -36.98
CA ALA C 334 -1.13 -19.78 -36.58
C ALA C 334 -0.32 -18.80 -35.74
N PHE C 335 -0.33 -17.50 -36.11
CA PHE C 335 0.40 -16.51 -35.32
C PHE C 335 -0.17 -16.46 -33.91
N ALA C 336 -1.50 -16.41 -33.82
CA ALA C 336 -2.10 -16.32 -32.47
C ALA C 336 -1.75 -17.53 -31.64
N ASP C 337 -1.88 -18.73 -32.20
CA ASP C 337 -1.57 -20.00 -31.53
C ASP C 337 -0.11 -20.09 -31.10
N SER C 338 0.79 -19.44 -31.86
CA SER C 338 2.19 -19.45 -31.49
C SER C 338 2.48 -18.48 -30.35
N ARG C 339 1.57 -17.52 -30.10
CA ARG C 339 1.81 -16.46 -29.12
C ARG C 339 1.15 -16.67 -27.78
N ILE C 340 -0.04 -17.24 -27.75
CA ILE C 340 -0.82 -17.50 -26.54
C ILE C 340 -0.74 -18.98 -26.25
N ARG C 341 0.04 -19.32 -25.22
CA ARG C 341 0.41 -20.72 -24.98
C ARG C 341 0.17 -21.09 -23.53
N PRO C 342 -0.71 -22.04 -23.25
CA PRO C 342 -0.92 -22.49 -21.88
C PRO C 342 0.38 -22.99 -21.29
N GLU C 343 1.27 -23.57 -22.09
CA GLU C 343 2.48 -24.14 -21.56
C GLU C 343 3.43 -23.11 -20.93
N THR C 344 3.53 -21.94 -21.55
CA THR C 344 4.41 -20.91 -21.01
C THR C 344 3.70 -20.09 -19.92
N ILE C 345 2.38 -19.93 -20.00
CA ILE C 345 1.63 -19.19 -19.00
C ILE C 345 1.65 -20.01 -17.71
N ALA C 346 1.47 -21.35 -17.75
CA ALA C 346 1.49 -22.17 -16.56
C ALA C 346 2.90 -22.10 -15.95
N ALA C 347 3.92 -22.17 -16.83
CA ALA C 347 5.30 -22.12 -16.31
C ALA C 347 5.62 -20.76 -15.69
N GLU C 348 5.03 -19.69 -16.20
CA GLU C 348 5.20 -18.33 -15.68
C GLU C 348 4.83 -18.26 -14.21
N ASP C 349 3.70 -18.92 -13.86
CA ASP C 349 3.34 -18.96 -12.45
C ASP C 349 4.48 -19.47 -11.59
N ILE C 350 5.02 -20.61 -11.99
CA ILE C 350 6.09 -21.33 -11.31
C ILE C 350 7.40 -20.56 -11.34
N LEU C 351 7.72 -19.90 -12.45
CA LEU C 351 8.93 -19.08 -12.48
C LEU C 351 8.84 -17.89 -11.52
N HIS C 352 7.64 -17.36 -11.33
CA HIS C 352 7.50 -16.32 -10.30
C HIS C 352 7.76 -16.86 -8.91
N ASP C 353 7.20 -18.05 -8.66
CA ASP C 353 7.33 -18.69 -7.35
C ASP C 353 8.77 -19.07 -7.03
N LEU C 354 9.55 -19.40 -8.04
CA LEU C 354 10.95 -19.77 -7.87
C LEU C 354 11.89 -18.57 -7.82
N GLY C 355 11.38 -17.34 -8.03
CA GLY C 355 12.28 -16.20 -8.04
C GLY C 355 13.07 -16.04 -9.35
N ILE C 356 12.57 -16.60 -10.44
CA ILE C 356 13.20 -16.47 -11.75
C ILE C 356 12.62 -15.31 -12.54
N ILE C 357 11.36 -14.95 -12.33
CA ILE C 357 10.78 -13.71 -12.90
C ILE C 357 10.78 -12.79 -11.70
N SER C 358 11.43 -11.64 -11.81
CA SER C 358 11.66 -10.80 -10.66
C SER C 358 10.67 -9.69 -10.38
N MET C 359 9.87 -9.39 -11.37
CA MET C 359 9.00 -8.21 -11.31
C MET C 359 7.65 -8.51 -11.89
N MET C 360 6.70 -7.70 -11.47
CA MET C 360 5.35 -7.62 -12.03
C MET C 360 5.23 -6.18 -12.55
N SER C 361 4.24 -5.94 -13.39
CA SER C 361 3.95 -4.68 -14.02
C SER C 361 2.53 -4.86 -14.59
N THR C 362 1.98 -3.73 -15.06
CA THR C 362 0.65 -3.85 -15.62
C THR C 362 0.53 -4.11 -17.11
N ASP C 363 1.19 -3.29 -17.94
CA ASP C 363 0.92 -3.15 -19.36
C ASP C 363 -0.38 -2.34 -19.52
N ALA C 364 -0.62 -1.41 -18.60
CA ALA C 364 -1.87 -0.68 -18.59
C ALA C 364 -2.39 -0.25 -19.95
N LEU C 365 -3.60 -0.67 -20.29
CA LEU C 365 -4.33 -0.23 -21.47
C LEU C 365 -3.80 -0.67 -22.82
N ALA C 366 -2.72 -1.44 -22.84
CA ALA C 366 -2.20 -1.99 -24.11
C ALA C 366 -2.43 -3.50 -24.18
N MET C 367 -2.27 -4.17 -23.06
CA MET C 367 -2.65 -5.57 -22.87
C MET C 367 -2.42 -5.86 -21.39
N GLY C 368 -3.02 -5.02 -20.55
CA GLY C 368 -2.78 -5.17 -19.11
C GLY C 368 -3.68 -4.19 -18.37
N ARG C 369 -3.83 -4.44 -17.07
CA ARG C 369 -4.84 -3.72 -16.29
C ARG C 369 -4.18 -2.84 -15.26
N ALA C 370 -4.43 -1.54 -15.38
CA ALA C 370 -3.72 -0.54 -14.58
C ALA C 370 -3.89 -0.69 -13.09
N GLY C 371 -4.97 -1.31 -12.66
CA GLY C 371 -5.25 -1.40 -11.21
C GLY C 371 -5.16 -2.82 -10.69
N GLU C 372 -4.44 -3.71 -11.38
CA GLU C 372 -4.39 -5.09 -10.99
C GLU C 372 -3.00 -5.67 -10.83
N MET C 373 -1.97 -4.83 -10.82
CA MET C 373 -0.61 -5.38 -10.65
C MET C 373 -0.47 -5.99 -9.26
N VAL C 374 -0.86 -5.25 -8.24
CA VAL C 374 -0.73 -5.74 -6.85
C VAL C 374 -1.66 -6.92 -6.65
N LEU C 375 -2.90 -6.77 -7.03
CA LEU C 375 -3.94 -7.79 -6.93
C LEU C 375 -3.46 -9.15 -7.44
N ARG C 376 -2.98 -9.11 -8.69
CA ARG C 376 -2.61 -10.37 -9.33
C ARG C 376 -1.32 -10.97 -8.81
N THR C 377 -0.45 -10.14 -8.24
CA THR C 377 0.74 -10.65 -7.57
C THR C 377 0.30 -11.62 -6.47
N TRP C 378 -0.62 -11.14 -5.61
CA TRP C 378 -1.04 -11.93 -4.49
C TRP C 378 -1.87 -13.15 -4.90
N GLN C 379 -2.73 -13.01 -5.92
CA GLN C 379 -3.47 -14.15 -6.45
C GLN C 379 -2.46 -15.21 -6.92
N THR C 380 -1.39 -14.80 -7.60
CA THR C 380 -0.40 -15.78 -8.02
C THR C 380 0.26 -16.45 -6.82
N ALA C 381 0.67 -15.67 -5.81
CA ALA C 381 1.33 -16.31 -4.64
C ALA C 381 0.42 -17.29 -3.92
N ASP C 382 -0.89 -16.98 -3.84
CA ASP C 382 -1.89 -17.82 -3.25
C ASP C 382 -2.10 -19.11 -4.05
N LYS C 383 -2.11 -18.98 -5.39
CA LYS C 383 -2.28 -20.15 -6.23
C LYS C 383 -1.08 -21.09 -6.08
N MET C 384 0.11 -20.49 -6.03
CA MET C 384 1.34 -21.25 -5.88
C MET C 384 1.40 -21.97 -4.56
N LYS C 385 0.95 -21.30 -3.52
CA LYS C 385 0.94 -21.98 -2.21
C LYS C 385 0.07 -23.23 -2.31
N LYS C 386 -1.12 -23.08 -2.85
CA LYS C 386 -2.03 -24.21 -2.96
C LYS C 386 -1.47 -25.32 -3.82
N GLN C 387 -0.85 -25.00 -4.93
CA GLN C 387 -0.38 -26.02 -5.86
C GLN C 387 1.02 -26.54 -5.59
N ARG C 388 1.86 -25.75 -4.96
CA ARG C 388 3.24 -26.15 -4.75
C ARG C 388 3.57 -26.34 -3.28
N GLY C 389 2.73 -25.89 -2.38
CA GLY C 389 2.96 -26.00 -0.93
C GLY C 389 3.79 -24.81 -0.46
N PRO C 390 3.74 -24.53 0.85
CA PRO C 390 4.57 -23.51 1.48
C PRO C 390 6.00 -23.71 0.98
N LEU C 391 6.80 -22.68 0.66
CA LEU C 391 8.16 -22.93 0.17
C LEU C 391 8.98 -23.58 1.28
N ALA C 392 10.04 -24.30 0.94
CA ALA C 392 10.84 -25.05 1.91
C ALA C 392 11.47 -24.18 2.98
N GLU C 393 11.72 -22.92 2.66
CA GLU C 393 12.33 -21.92 3.49
C GLU C 393 11.44 -21.32 4.57
N GLU C 394 10.14 -21.59 4.60
CA GLU C 394 9.27 -21.02 5.64
C GLU C 394 9.55 -21.60 7.03
N LYS C 395 8.94 -21.03 8.08
CA LYS C 395 9.15 -21.44 9.45
C LYS C 395 7.95 -21.91 10.23
N ASN C 396 7.22 -21.03 10.88
CA ASN C 396 6.03 -21.39 11.66
C ASN C 396 4.99 -21.90 10.68
N GLY C 397 3.77 -21.36 10.70
CA GLY C 397 2.83 -21.80 9.65
C GLY C 397 2.86 -20.65 8.63
N SER C 398 3.99 -19.88 8.63
CA SER C 398 3.85 -18.57 7.98
C SER C 398 4.35 -18.63 6.54
N ASP C 399 3.76 -17.69 5.80
CA ASP C 399 4.10 -17.52 4.39
C ASP C 399 5.02 -16.33 4.18
N ASN C 400 5.79 -15.96 5.21
CA ASN C 400 6.68 -14.80 5.11
C ASN C 400 7.67 -14.84 3.97
N PHE C 401 8.30 -16.01 3.69
CA PHE C 401 9.29 -16.04 2.61
C PHE C 401 8.65 -15.72 1.26
N ARG C 402 7.53 -16.40 1.03
CA ARG C 402 6.77 -16.13 -0.18
C ARG C 402 6.30 -14.67 -0.20
N LEU C 403 5.82 -14.12 0.91
CA LEU C 403 5.31 -12.76 0.93
C LEU C 403 6.40 -11.76 0.61
N LYS C 404 7.63 -12.00 1.11
CA LYS C 404 8.73 -11.06 0.81
C LYS C 404 9.14 -11.26 -0.65
N ARG C 405 9.17 -12.48 -1.17
CA ARG C 405 9.52 -12.71 -2.56
C ARG C 405 8.55 -11.98 -3.50
N TYR C 406 7.25 -12.06 -3.16
CA TYR C 406 6.24 -11.45 -4.02
C TYR C 406 6.08 -9.97 -3.84
N VAL C 407 6.16 -9.42 -2.61
CA VAL C 407 6.04 -7.96 -2.46
C VAL C 407 7.17 -7.27 -3.23
N SER C 408 8.35 -7.92 -3.33
CA SER C 408 9.53 -7.39 -3.99
C SER C 408 9.25 -7.15 -5.49
N LYS C 409 8.37 -7.99 -6.07
CA LYS C 409 8.17 -7.95 -7.52
C LYS C 409 7.52 -6.64 -7.97
N TYR C 410 6.74 -5.98 -7.10
CA TYR C 410 6.08 -4.74 -7.53
C TYR C 410 6.51 -3.54 -6.73
N THR C 411 7.54 -3.67 -5.90
CA THR C 411 8.02 -2.54 -5.12
C THR C 411 9.49 -2.30 -5.44
N ILE C 412 10.38 -3.05 -4.79
CA ILE C 412 11.80 -2.68 -4.88
C ILE C 412 12.42 -3.09 -6.22
N ASN C 413 12.01 -4.24 -6.75
CA ASN C 413 12.65 -4.71 -7.98
C ASN C 413 12.46 -3.84 -9.18
N PRO C 414 11.27 -3.36 -9.46
CA PRO C 414 11.05 -2.43 -10.58
C PRO C 414 11.85 -1.16 -10.29
N ALA C 415 11.92 -0.68 -9.06
CA ALA C 415 12.70 0.51 -8.72
C ALA C 415 14.17 0.33 -9.00
N ILE C 416 14.75 -0.80 -8.63
CA ILE C 416 16.15 -1.06 -8.92
C ILE C 416 16.35 -1.16 -10.41
N ALA C 417 15.46 -1.87 -11.11
CA ALA C 417 15.62 -1.99 -12.57
C ALA C 417 15.66 -0.64 -13.26
N GLN C 418 14.83 0.33 -12.85
CA GLN C 418 14.71 1.60 -13.49
C GLN C 418 15.70 2.66 -12.98
N GLY C 419 16.48 2.34 -11.96
CA GLY C 419 17.49 3.26 -11.44
C GLY C 419 16.89 4.33 -10.54
N ILE C 420 15.79 3.98 -9.87
CA ILE C 420 15.10 4.97 -9.00
C ILE C 420 14.95 4.45 -7.58
N ALA C 421 15.60 3.33 -7.22
CA ALA C 421 15.45 2.77 -5.88
C ALA C 421 16.14 3.58 -4.78
N HIS C 422 16.95 4.58 -5.11
CA HIS C 422 17.45 5.52 -4.10
C HIS C 422 16.31 6.38 -3.56
N GLU C 423 15.25 6.54 -4.39
CA GLU C 423 14.14 7.37 -3.99
C GLU C 423 12.90 6.61 -3.55
N VAL C 424 12.53 5.56 -4.27
CA VAL C 424 11.28 4.84 -4.04
C VAL C 424 11.45 3.33 -4.07
N GLY C 425 10.36 2.62 -3.84
CA GLY C 425 10.32 1.18 -3.96
C GLY C 425 10.45 0.39 -2.66
N SER C 426 10.63 1.04 -1.51
CA SER C 426 10.65 0.28 -0.26
C SER C 426 10.50 1.21 0.93
N ILE C 427 10.07 0.58 2.03
CA ILE C 427 9.93 1.34 3.28
C ILE C 427 11.26 1.29 4.02
N GLU C 428 12.12 2.26 3.71
CA GLU C 428 13.43 2.36 4.30
C GLU C 428 13.73 3.82 4.62
N GLU C 429 14.49 4.06 5.68
CA GLU C 429 14.91 5.40 6.04
C GLU C 429 15.69 6.03 4.87
N GLY C 430 15.37 7.29 4.56
CA GLY C 430 16.03 8.04 3.53
C GLY C 430 15.33 7.97 2.19
N LYS C 431 14.20 7.24 2.12
CA LYS C 431 13.47 7.16 0.87
C LYS C 431 12.16 7.93 0.96
N PHE C 432 11.68 8.32 -0.21
CA PHE C 432 10.47 9.14 -0.32
C PHE C 432 9.29 8.46 0.37
N ALA C 433 8.45 9.25 1.05
CA ALA C 433 7.34 8.69 1.80
C ALA C 433 6.09 8.41 0.97
N ASP C 434 6.26 7.43 0.08
CA ASP C 434 5.17 6.88 -0.72
C ASP C 434 4.74 5.61 0.00
N LEU C 435 3.63 5.65 0.70
CA LEU C 435 3.23 4.55 1.59
C LEU C 435 1.79 4.21 1.35
N VAL C 436 1.42 2.97 1.42
CA VAL C 436 0.09 2.49 1.21
C VAL C 436 -0.40 1.74 2.44
N LEU C 437 -1.48 2.25 3.03
CA LEU C 437 -2.13 1.59 4.17
C LEU C 437 -3.25 0.72 3.62
N TRP C 438 -3.32 -0.50 4.11
CA TRP C 438 -4.32 -1.47 3.76
C TRP C 438 -5.03 -2.05 4.99
N GLU C 439 -6.35 -2.12 4.95
CA GLU C 439 -7.00 -3.01 5.93
C GLU C 439 -6.67 -4.43 5.47
N PRO C 440 -6.34 -5.32 6.37
CA PRO C 440 -6.01 -6.72 6.05
C PRO C 440 -7.11 -7.38 5.24
N LYS C 441 -8.39 -7.11 5.49
CA LYS C 441 -9.50 -7.71 4.74
C LYS C 441 -9.47 -7.28 3.28
N PHE C 442 -8.91 -6.10 2.99
CA PHE C 442 -8.84 -5.56 1.65
C PHE C 442 -7.44 -5.57 1.06
N PHE C 443 -6.52 -6.27 1.74
CA PHE C 443 -5.10 -6.21 1.35
C PHE C 443 -4.93 -6.65 -0.10
N GLY C 444 -4.24 -5.80 -0.85
CA GLY C 444 -3.93 -6.05 -2.24
C GLY C 444 -5.10 -5.81 -3.19
N VAL C 445 -6.26 -5.46 -2.64
CA VAL C 445 -7.49 -5.30 -3.42
C VAL C 445 -7.81 -3.84 -3.60
N LYS C 446 -8.08 -3.15 -2.49
CA LYS C 446 -8.37 -1.74 -2.53
C LYS C 446 -7.66 -1.05 -1.36
N ALA C 447 -6.77 -0.13 -1.71
CA ALA C 447 -6.02 0.61 -0.70
C ALA C 447 -6.91 1.48 0.17
N ASP C 448 -6.59 1.59 1.46
CA ASP C 448 -7.31 2.46 2.40
C ASP C 448 -6.86 3.89 2.19
N ARG C 449 -5.58 4.19 2.30
CA ARG C 449 -4.99 5.52 2.14
C ARG C 449 -3.67 5.35 1.43
N VAL C 450 -3.44 6.19 0.42
CA VAL C 450 -2.18 6.23 -0.30
C VAL C 450 -1.52 7.57 -0.04
N ILE C 451 -0.39 7.50 0.63
CA ILE C 451 0.45 8.63 1.00
C ILE C 451 1.47 8.83 -0.11
N LYS C 452 1.58 10.10 -0.54
CA LYS C 452 2.56 10.45 -1.56
C LYS C 452 3.39 11.61 -1.04
N GLY C 453 4.72 11.41 -0.91
CA GLY C 453 5.55 12.46 -0.36
C GLY C 453 5.09 12.93 1.00
N GLY C 454 4.55 12.01 1.80
CA GLY C 454 4.16 12.40 3.15
C GLY C 454 2.81 13.07 3.31
N ILE C 455 2.00 13.20 2.28
CA ILE C 455 0.64 13.72 2.38
C ILE C 455 -0.28 12.70 1.69
N ILE C 456 -1.43 12.45 2.29
CA ILE C 456 -2.37 11.53 1.68
C ILE C 456 -2.85 12.10 0.35
N ALA C 457 -2.70 11.29 -0.70
CA ALA C 457 -3.10 11.64 -2.06
C ALA C 457 -4.43 11.01 -2.46
N TYR C 458 -4.74 9.81 -1.96
CA TYR C 458 -5.88 9.05 -2.40
C TYR C 458 -6.39 8.21 -1.21
N ALA C 459 -7.71 8.19 -1.07
CA ALA C 459 -8.26 7.42 0.05
C ALA C 459 -9.64 6.85 -0.29
N GLN C 460 -9.94 5.72 0.30
CA GLN C 460 -11.32 5.18 0.32
C GLN C 460 -12.03 5.85 1.48
N ILE C 461 -12.93 6.78 1.19
CA ILE C 461 -13.56 7.59 2.20
C ILE C 461 -14.99 7.92 1.77
N GLY C 462 -15.82 8.21 2.75
CA GLY C 462 -17.25 8.34 2.50
C GLY C 462 -17.72 9.79 2.32
N ASP C 463 -19.02 9.89 2.55
CA ASP C 463 -19.83 11.06 2.27
C ASP C 463 -19.16 12.34 2.73
N PRO C 464 -18.86 13.28 1.84
CA PRO C 464 -18.20 14.52 2.15
C PRO C 464 -19.11 15.50 2.91
N SER C 465 -20.42 15.19 2.88
CA SER C 465 -21.40 16.02 3.53
C SER C 465 -21.81 15.52 4.90
N ALA C 466 -21.22 14.40 5.33
CA ALA C 466 -21.63 13.76 6.57
C ALA C 466 -20.89 14.33 7.78
N SER C 467 -21.37 13.96 8.96
CA SER C 467 -20.82 14.40 10.21
C SER C 467 -19.41 13.83 10.46
N ILE C 468 -19.16 12.68 9.86
CA ILE C 468 -17.91 11.95 10.00
C ILE C 468 -17.65 11.38 8.60
N PRO C 469 -16.47 10.89 8.30
CA PRO C 469 -16.06 10.50 6.97
C PRO C 469 -16.37 9.09 6.50
N THR C 470 -16.87 8.30 7.45
CA THR C 470 -17.18 6.91 7.22
C THR C 470 -18.52 6.57 6.61
N PRO C 471 -19.56 7.38 6.69
CA PRO C 471 -20.85 7.07 6.11
C PRO C 471 -20.74 6.88 4.60
N GLN C 472 -21.64 6.09 4.04
CA GLN C 472 -21.66 5.81 2.61
C GLN C 472 -22.03 7.02 1.78
N PRO C 473 -21.55 7.05 0.55
CA PRO C 473 -20.78 6.01 -0.11
C PRO C 473 -19.28 6.13 0.09
N VAL C 474 -18.66 5.06 0.53
CA VAL C 474 -17.19 4.99 0.65
C VAL C 474 -16.67 4.58 -0.72
N MET C 475 -15.82 5.47 -1.28
CA MET C 475 -15.28 5.26 -2.61
C MET C 475 -13.87 5.90 -2.68
N GLY C 476 -13.11 5.49 -3.66
CA GLY C 476 -11.78 6.07 -3.86
C GLY C 476 -11.92 7.50 -4.32
N ARG C 477 -11.22 8.43 -3.65
CA ARG C 477 -11.23 9.81 -3.96
C ARG C 477 -9.84 10.44 -3.77
N ARG C 478 -9.52 11.37 -4.66
CA ARG C 478 -8.31 12.18 -4.55
C ARG C 478 -8.39 13.08 -3.33
N MET C 479 -7.28 13.15 -2.61
CA MET C 479 -7.20 13.91 -1.37
C MET C 479 -6.36 15.16 -1.54
N TYR C 480 -6.06 15.88 -0.48
CA TYR C 480 -5.44 17.19 -0.56
C TYR C 480 -4.05 17.17 -1.17
N GLY C 481 -3.31 16.06 -1.12
CA GLY C 481 -2.01 15.99 -1.78
C GLY C 481 -2.08 16.24 -3.29
N THR C 482 -3.26 16.02 -3.92
CA THR C 482 -3.41 16.21 -5.35
C THR C 482 -3.90 17.57 -5.75
N VAL C 483 -4.20 18.41 -4.77
CA VAL C 483 -4.87 19.70 -5.05
C VAL C 483 -3.92 20.86 -5.12
N GLY C 484 -4.17 21.83 -5.98
CA GLY C 484 -3.36 23.03 -6.02
C GLY C 484 -1.94 22.70 -6.35
N ASP C 485 -1.03 23.44 -5.72
CA ASP C 485 0.40 23.28 -5.97
C ASP C 485 1.00 22.15 -5.12
N LEU C 486 0.17 21.56 -4.24
CA LEU C 486 0.66 20.42 -3.47
C LEU C 486 0.99 19.20 -4.29
N ILE C 487 0.32 19.06 -5.44
CA ILE C 487 0.61 18.02 -6.41
C ILE C 487 2.07 18.08 -6.84
N HIS C 488 2.70 19.26 -6.82
CA HIS C 488 4.08 19.38 -7.21
C HIS C 488 5.06 18.84 -6.18
N ASP C 489 4.72 18.98 -4.89
CA ASP C 489 5.69 18.60 -3.86
C ASP C 489 5.50 17.16 -3.44
N THR C 490 4.40 16.54 -3.79
CA THR C 490 4.12 15.18 -3.35
C THR C 490 4.46 14.15 -4.40
N ASN C 491 4.88 14.57 -5.60
CA ASN C 491 5.17 13.64 -6.70
C ASN C 491 6.51 14.00 -7.35
N ILE C 492 7.12 12.95 -7.93
CA ILE C 492 8.41 13.04 -8.54
C ILE C 492 8.31 12.74 -10.05
N THR C 493 8.91 13.67 -10.80
CA THR C 493 9.17 13.34 -12.21
C THR C 493 10.60 12.81 -12.29
N PHE C 494 10.79 11.55 -12.69
CA PHE C 494 12.12 10.97 -12.85
C PHE C 494 12.66 11.27 -14.23
N MET C 495 13.90 11.73 -14.31
CA MET C 495 14.51 12.15 -15.53
C MET C 495 15.98 11.73 -15.63
N SER C 496 16.47 11.69 -16.87
CA SER C 496 17.89 11.35 -17.05
C SER C 496 18.77 12.43 -16.39
N LYS C 497 19.98 11.99 -16.04
CA LYS C 497 21.01 12.90 -15.56
C LYS C 497 21.32 14.02 -16.55
N SER C 498 21.38 13.70 -17.85
CA SER C 498 21.74 14.70 -18.82
C SER C 498 20.67 15.79 -18.95
N SER C 499 19.39 15.38 -18.97
CA SER C 499 18.34 16.39 -19.06
C SER C 499 18.32 17.32 -17.84
N ILE C 500 18.66 16.78 -16.67
CA ILE C 500 18.72 17.56 -15.45
C ILE C 500 19.89 18.54 -15.49
N GLN C 501 21.05 18.01 -15.94
CA GLN C 501 22.22 18.88 -16.07
C GLN C 501 22.04 19.98 -17.11
N GLN C 502 21.26 19.67 -18.16
CA GLN C 502 20.97 20.65 -19.20
C GLN C 502 19.82 21.56 -18.86
N GLY C 503 19.25 21.46 -17.65
CA GLY C 503 18.29 22.45 -17.22
C GLY C 503 16.92 22.29 -17.85
N VAL C 504 16.55 21.06 -18.23
CA VAL C 504 15.22 20.84 -18.78
C VAL C 504 14.07 21.23 -17.87
N PRO C 505 14.15 20.94 -16.58
CA PRO C 505 13.06 21.30 -15.68
C PRO C 505 12.79 22.80 -15.72
N ALA C 506 13.85 23.62 -15.61
CA ALA C 506 13.67 25.05 -15.67
C ALA C 506 13.17 25.54 -17.04
N LYS C 507 13.65 24.93 -18.12
CA LYS C 507 13.29 25.28 -19.48
C LYS C 507 11.77 25.11 -19.67
N LEU C 508 11.25 23.99 -19.14
CA LEU C 508 9.85 23.65 -19.27
C LEU C 508 8.94 24.18 -18.18
N GLY C 509 9.52 24.76 -17.14
CA GLY C 509 8.75 25.27 -16.00
C GLY C 509 8.18 24.13 -15.15
N LEU C 510 8.89 23.01 -15.07
CA LEU C 510 8.41 21.91 -14.21
C LEU C 510 8.57 22.26 -12.74
N LYS C 511 7.48 22.08 -12.00
CA LYS C 511 7.48 22.40 -10.55
C LYS C 511 7.55 21.16 -9.67
N ARG C 512 7.35 20.01 -10.30
CA ARG C 512 7.42 18.79 -9.51
C ARG C 512 8.80 18.52 -8.96
N ARG C 513 8.89 17.67 -7.94
CA ARG C 513 10.21 17.20 -7.49
C ARG C 513 10.83 16.48 -8.68
N ILE C 514 12.12 16.74 -8.83
CA ILE C 514 12.82 16.08 -9.96
C ILE C 514 13.70 14.99 -9.39
N GLY C 515 13.49 13.79 -9.86
CA GLY C 515 14.26 12.62 -9.46
C GLY C 515 15.25 12.21 -10.52
N THR C 516 16.43 11.82 -10.09
CA THR C 516 17.49 11.45 -11.01
C THR C 516 17.52 9.95 -11.22
N VAL C 517 17.49 9.50 -12.45
CA VAL C 517 17.65 8.10 -12.78
C VAL C 517 19.17 7.83 -12.74
N LYS C 518 19.57 6.75 -12.06
CA LYS C 518 20.99 6.43 -11.99
C LYS C 518 21.21 5.01 -11.52
N ASN C 519 22.40 4.52 -11.79
CA ASN C 519 22.87 3.22 -11.37
C ASN C 519 22.04 2.10 -11.96
N CYS C 520 21.82 2.15 -13.28
CA CYS C 520 21.06 1.00 -13.80
C CYS C 520 21.79 0.26 -14.90
N ARG C 521 23.10 0.55 -15.02
CA ARG C 521 23.84 -0.16 -16.06
C ARG C 521 24.75 -1.21 -15.43
N ASN C 522 24.94 -1.13 -14.14
CA ASN C 522 25.89 -1.93 -13.37
C ASN C 522 25.20 -2.92 -12.47
N ILE C 523 23.99 -3.32 -12.84
CA ILE C 523 23.18 -4.24 -12.07
C ILE C 523 22.87 -5.44 -12.97
N GLY C 524 22.33 -6.46 -12.37
CA GLY C 524 21.91 -7.64 -13.10
C GLY C 524 20.86 -8.39 -12.29
N LYS C 525 20.55 -9.61 -12.70
CA LYS C 525 19.58 -10.45 -12.02
C LYS C 525 19.91 -10.60 -10.56
N LYS C 526 21.24 -10.68 -10.22
CA LYS C 526 21.64 -10.87 -8.84
C LYS C 526 21.17 -9.78 -7.91
N ASP C 527 20.85 -8.61 -8.45
CA ASP C 527 20.41 -7.46 -7.67
C ASP C 527 18.91 -7.46 -7.46
N MET C 528 18.19 -8.40 -8.02
CA MET C 528 16.71 -8.44 -7.85
C MET C 528 16.43 -9.11 -6.48
N LYS C 529 15.91 -8.37 -5.52
CA LYS C 529 15.64 -8.81 -4.18
C LYS C 529 14.72 -10.00 -4.13
N TRP C 530 15.13 -11.11 -3.54
CA TRP C 530 14.41 -12.36 -3.36
C TRP C 530 14.06 -13.07 -4.66
N ASN C 531 14.60 -12.63 -5.79
CA ASN C 531 14.20 -13.09 -7.14
C ASN C 531 15.42 -12.96 -8.03
N ASP C 532 16.47 -13.69 -7.63
CA ASP C 532 17.79 -13.46 -8.21
C ASP C 532 18.31 -14.73 -8.88
N VAL C 533 17.39 -15.60 -9.23
CA VAL C 533 17.82 -16.88 -9.83
C VAL C 533 18.14 -16.81 -11.30
N THR C 534 19.34 -17.31 -11.64
CA THR C 534 19.75 -17.49 -13.03
C THR C 534 19.77 -18.99 -13.30
N THR C 535 19.37 -19.42 -14.50
CA THR C 535 19.32 -20.84 -14.81
C THR C 535 19.09 -20.99 -16.31
N ASP C 536 19.26 -22.19 -16.84
CA ASP C 536 19.03 -22.35 -18.29
C ASP C 536 17.57 -22.78 -18.49
N ILE C 537 16.76 -21.86 -19.01
CA ILE C 537 15.37 -22.19 -19.27
C ILE C 537 15.26 -22.71 -20.69
N ASP C 538 14.73 -23.93 -20.84
CA ASP C 538 14.56 -24.53 -22.14
C ASP C 538 13.08 -24.57 -22.53
N ILE C 539 12.75 -24.00 -23.69
CA ILE C 539 11.39 -24.00 -24.20
C ILE C 539 11.37 -24.80 -25.49
N ASN C 540 10.68 -25.93 -25.44
CA ASN C 540 10.66 -26.86 -26.58
C ASN C 540 9.97 -26.17 -27.74
N PRO C 541 10.56 -26.11 -28.90
CA PRO C 541 9.97 -25.41 -30.02
C PRO C 541 8.73 -26.10 -30.58
N GLU C 542 8.61 -27.41 -30.37
CA GLU C 542 7.47 -28.16 -30.91
C GLU C 542 6.31 -28.15 -29.93
N THR C 543 6.58 -28.40 -28.66
CA THR C 543 5.50 -28.58 -27.68
C THR C 543 5.27 -27.38 -26.78
N TYR C 544 6.26 -26.47 -26.73
CA TYR C 544 6.22 -25.27 -25.91
C TYR C 544 6.45 -25.61 -24.44
N GLU C 545 6.77 -26.85 -24.11
CA GLU C 545 7.02 -27.20 -22.73
C GLU C 545 8.27 -26.48 -22.21
N VAL C 546 8.19 -26.00 -20.97
CA VAL C 546 9.27 -25.29 -20.34
C VAL C 546 9.96 -26.21 -19.35
N LYS C 547 11.27 -26.31 -19.42
CA LYS C 547 12.06 -27.09 -18.48
C LYS C 547 13.12 -26.25 -17.83
N VAL C 548 13.32 -26.43 -16.54
CA VAL C 548 14.35 -25.83 -15.71
C VAL C 548 15.00 -26.97 -14.91
N ASP C 549 16.29 -27.11 -14.95
CA ASP C 549 16.99 -28.19 -14.23
C ASP C 549 16.47 -29.58 -14.58
N GLY C 550 16.15 -29.81 -15.84
CA GLY C 550 15.65 -31.04 -16.41
C GLY C 550 14.22 -31.39 -16.07
N GLU C 551 13.50 -30.52 -15.36
CA GLU C 551 12.15 -30.77 -14.92
C GLU C 551 11.19 -29.88 -15.74
N VAL C 552 10.11 -30.50 -16.20
CA VAL C 552 9.05 -29.76 -16.82
C VAL C 552 8.32 -28.90 -15.78
N LEU C 553 8.10 -27.63 -16.16
CA LEU C 553 7.37 -26.74 -15.30
C LEU C 553 5.93 -26.64 -15.84
N THR C 554 5.01 -27.21 -15.07
CA THR C 554 3.62 -27.25 -15.42
C THR C 554 2.75 -27.17 -14.17
N CYS C 555 1.62 -26.49 -14.30
CA CYS C 555 0.62 -26.45 -13.25
C CYS C 555 -0.73 -26.27 -13.92
N GLU C 556 -1.78 -26.50 -13.14
CA GLU C 556 -3.11 -26.39 -13.73
C GLU C 556 -3.65 -24.98 -13.57
N PRO C 557 -4.57 -24.63 -14.44
CA PRO C 557 -5.31 -23.37 -14.33
C PRO C 557 -6.38 -23.53 -13.25
N VAL C 558 -6.70 -22.47 -12.52
CA VAL C 558 -7.71 -22.53 -11.46
C VAL C 558 -9.03 -21.93 -11.94
N LYS C 559 -10.14 -22.45 -11.40
CA LYS C 559 -11.46 -21.98 -11.71
C LYS C 559 -11.85 -20.74 -10.92
N GLU C 560 -11.26 -20.56 -9.76
CA GLU C 560 -11.62 -19.45 -8.87
C GLU C 560 -10.37 -18.86 -8.26
N LEU C 561 -10.38 -17.58 -7.99
CA LEU C 561 -9.34 -16.87 -7.31
C LEU C 561 -9.90 -16.10 -6.12
N PRO C 562 -9.09 -15.96 -5.11
CA PRO C 562 -9.40 -15.03 -4.05
C PRO C 562 -9.27 -13.61 -4.60
N MET C 563 -9.60 -12.60 -3.82
CA MET C 563 -9.42 -11.19 -4.24
C MET C 563 -10.17 -10.91 -5.55
N ALA C 564 -11.37 -11.46 -5.63
CA ALA C 564 -12.20 -11.37 -6.82
C ALA C 564 -13.66 -11.11 -6.51
N GLN C 565 -14.58 -12.07 -6.69
CA GLN C 565 -16.00 -11.72 -6.58
C GLN C 565 -16.46 -11.40 -5.21
N ARG C 566 -15.70 -11.63 -4.14
CA ARG C 566 -16.14 -11.18 -2.82
C ARG C 566 -16.07 -9.66 -2.74
N TYR C 567 -15.22 -9.01 -3.52
CA TYR C 567 -14.91 -7.60 -3.39
C TYR C 567 -15.47 -6.65 -4.45
N PHE C 568 -15.58 -7.10 -5.70
CA PHE C 568 -15.88 -6.17 -6.78
C PHE C 568 -17.32 -6.14 -7.20
N LEU C 569 -17.79 -4.91 -7.47
CA LEU C 569 -19.17 -4.71 -7.83
C LEU C 569 -19.42 -5.17 -9.25
N PHE C 570 -18.38 -5.17 -10.10
CA PHE C 570 -18.45 -5.62 -11.48
C PHE C 570 -17.24 -6.51 -11.77
NI NI D . 4.77 -5.12 -25.26
NI NI E . 3.16 -2.68 -23.29
C1 HAE F . 0.79 -4.68 -26.56
C2 HAE F . 2.15 -4.65 -25.88
O2 HAE F . 3.17 -4.59 -26.57
N HAE F . 2.17 -4.71 -24.55
O HAE F . 3.43 -4.55 -23.96
#